data_9D2C
#
_entry.id   9D2C
#
_cell.length_a   54.901
_cell.length_b   76.696
_cell.length_c   103.119
_cell.angle_alpha   90.000
_cell.angle_beta   102.318
_cell.angle_gamma   90.000
#
_symmetry.space_group_name_H-M   'P 1 21 1'
#
loop_
_entity.id
_entity.type
_entity.pdbx_description
1 polymer 'Molybdenum-pterin binding domain-containing protein'
2 non-polymer 'MOLYBDATE ION'
3 water water
#
_entity_poly.entity_id   1
_entity_poly.type   'polypeptide(L)'
_entity_poly.pdbx_seq_one_letter_code
;MKLSARNQLAGKVVSIKEGAVNGIVVLDIGGGNQISSTISMDSIRELGLQVGSDAYAVIKATSVMIGIDDWSHPQFEK
;
_entity_poly.pdbx_strand_id   A,B,C,D,E,F,H,I,J,K,L,M
#
# COMPACT_ATOMS: atom_id res chain seq x y z
N MET A 1 17.73 4.68 13.64
CA MET A 1 16.75 5.77 13.36
C MET A 1 15.65 5.36 12.36
N LYS A 2 14.47 5.94 12.52
CA LYS A 2 13.37 5.75 11.60
C LYS A 2 13.28 6.97 10.68
N LEU A 3 13.26 6.74 9.36
CA LEU A 3 13.36 7.84 8.42
C LEU A 3 12.13 8.01 7.54
N SER A 4 11.96 9.27 7.08
CA SER A 4 10.87 9.63 6.18
C SER A 4 11.11 9.17 4.74
N ALA A 5 12.33 8.85 4.35
CA ALA A 5 12.56 8.41 2.99
C ALA A 5 11.55 7.32 2.65
N ARG A 6 10.79 7.54 1.56
CA ARG A 6 9.78 6.55 1.18
C ARG A 6 10.40 5.26 0.67
N ASN A 7 11.65 5.28 0.25
CA ASN A 7 12.29 4.12 -0.37
C ASN A 7 13.41 3.63 0.53
N GLN A 8 13.24 2.43 1.11
CA GLN A 8 14.22 1.82 2.01
C GLN A 8 14.28 0.35 1.62
N LEU A 9 15.24 -0.01 0.77
CA LEU A 9 15.22 -1.28 0.07
C LEU A 9 16.37 -2.19 0.53
N ALA A 10 16.01 -3.30 1.17
CA ALA A 10 17.02 -4.22 1.70
C ALA A 10 17.77 -4.92 0.56
N GLY A 11 19.07 -5.15 0.77
CA GLY A 11 19.88 -5.77 -0.26
C GLY A 11 21.25 -6.08 0.32
N LYS A 12 22.07 -6.71 -0.51
CA LYS A 12 23.41 -7.10 -0.07
C LYS A 12 24.43 -6.50 -1.02
N VAL A 13 25.52 -5.99 -0.45
CA VAL A 13 26.52 -5.30 -1.24
C VAL A 13 27.22 -6.28 -2.16
N VAL A 14 27.25 -5.99 -3.46
CA VAL A 14 27.95 -6.82 -4.41
C VAL A 14 29.27 -6.21 -4.86
N SER A 15 29.44 -4.90 -4.75
CA SER A 15 30.71 -4.29 -5.12
C SER A 15 30.87 -2.92 -4.46
N ILE A 16 32.11 -2.51 -4.29
CA ILE A 16 32.42 -1.18 -3.76
C ILE A 16 33.59 -0.61 -4.54
N LYS A 17 33.39 0.50 -5.23
CA LYS A 17 34.47 1.20 -5.91
C LYS A 17 34.88 2.46 -5.14
N GLU A 18 36.09 2.43 -4.60
CA GLU A 18 36.57 3.53 -3.79
C GLU A 18 37.11 4.65 -4.66
N GLY A 19 36.79 5.88 -4.28
CA GLY A 19 37.31 7.04 -4.97
C GLY A 19 38.18 7.91 -4.09
N ALA A 20 38.21 9.21 -4.38
CA ALA A 20 39.06 10.14 -3.63
C ALA A 20 38.36 10.63 -2.37
N VAL A 21 37.21 11.29 -2.52
CA VAL A 21 36.35 11.61 -1.39
C VAL A 21 35.03 10.83 -1.40
N ASN A 22 34.63 10.25 -2.53
CA ASN A 22 33.42 9.42 -2.61
C ASN A 22 33.77 8.00 -3.08
N GLY A 23 32.80 7.10 -2.88
CA GLY A 23 32.83 5.79 -3.49
C GLY A 23 31.45 5.40 -3.95
N ILE A 24 31.39 4.33 -4.74
CA ILE A 24 30.15 3.86 -5.34
C ILE A 24 29.91 2.42 -4.90
N VAL A 25 28.82 2.22 -4.17
CA VAL A 25 28.41 0.93 -3.65
C VAL A 25 27.24 0.42 -4.47
N VAL A 26 27.31 -0.83 -4.90
CA VAL A 26 26.22 -1.48 -5.61
C VAL A 26 25.56 -2.51 -4.71
N LEU A 27 24.23 -2.46 -4.63
CA LEU A 27 23.44 -3.33 -3.77
C LEU A 27 22.55 -4.20 -4.64
N ASP A 28 22.58 -5.51 -4.41
CA ASP A 28 21.61 -6.42 -5.00
C ASP A 28 20.37 -6.35 -4.13
N ILE A 29 19.23 -5.92 -4.67
CA ILE A 29 18.01 -5.81 -3.86
C ILE A 29 17.00 -6.90 -4.19
N GLY A 30 17.39 -7.87 -5.01
CA GLY A 30 16.49 -8.95 -5.36
C GLY A 30 15.71 -8.64 -6.62
N GLY A 31 15.02 -9.68 -7.10
CA GLY A 31 14.24 -9.54 -8.30
C GLY A 31 15.05 -9.16 -9.49
N GLY A 32 16.35 -9.45 -9.47
CA GLY A 32 17.22 -9.08 -10.57
C GLY A 32 17.60 -7.62 -10.63
N ASN A 33 17.33 -6.85 -9.59
CA ASN A 33 17.59 -5.41 -9.56
C ASN A 33 18.76 -5.06 -8.66
N GLN A 34 19.54 -4.08 -9.10
CA GLN A 34 20.63 -3.54 -8.31
C GLN A 34 20.50 -2.03 -8.23
N ILE A 35 20.99 -1.47 -7.13
CA ILE A 35 20.97 -0.05 -6.86
C ILE A 35 22.39 0.43 -6.71
N SER A 36 22.77 1.46 -7.47
CA SER A 36 24.09 2.08 -7.32
C SER A 36 23.94 3.33 -6.47
N SER A 37 24.87 3.50 -5.53
CA SER A 37 24.86 4.57 -4.54
C SER A 37 26.22 5.24 -4.55
N THR A 38 26.24 6.56 -4.78
CA THR A 38 27.45 7.37 -4.70
C THR A 38 27.40 8.14 -3.38
N ILE A 39 28.28 7.77 -2.44
CA ILE A 39 28.30 8.32 -1.09
C ILE A 39 29.75 8.54 -0.70
N SER A 40 29.95 9.20 0.44
CA SER A 40 31.31 9.54 0.89
C SER A 40 32.06 8.31 1.40
N MET A 41 33.38 8.31 1.18
CA MET A 41 34.23 7.27 1.75
C MET A 41 34.09 7.23 3.27
N ASP A 42 33.88 8.38 3.87
CA ASP A 42 33.69 8.42 5.31
C ASP A 42 32.57 7.46 5.71
N SER A 43 31.44 7.49 5.00
CA SER A 43 30.31 6.64 5.36
C SER A 43 30.55 5.19 4.98
N ILE A 44 31.23 4.94 3.86
CA ILE A 44 31.54 3.58 3.46
C ILE A 44 32.37 2.90 4.53
N ARG A 45 33.37 3.59 5.05
CA ARG A 45 34.19 3.03 6.12
C ARG A 45 33.40 2.95 7.43
N GLU A 46 32.74 4.04 7.81
CA GLU A 46 32.10 4.13 9.13
C GLU A 46 31.01 3.08 9.30
N LEU A 47 30.26 2.79 8.23
CA LEU A 47 29.24 1.75 8.22
C LEU A 47 29.81 0.36 8.08
N GLY A 48 31.13 0.21 7.91
CA GLY A 48 31.73 -1.10 7.78
C GLY A 48 31.32 -1.86 6.54
N LEU A 49 31.00 -1.16 5.46
CA LEU A 49 30.53 -1.83 4.26
C LEU A 49 31.66 -2.61 3.60
N GLN A 50 31.38 -3.85 3.24
CA GLN A 50 32.24 -4.64 2.37
C GLN A 50 31.34 -5.56 1.58
N VAL A 51 31.91 -6.17 0.53
CA VAL A 51 31.17 -7.12 -0.27
C VAL A 51 30.54 -8.18 0.62
N GLY A 52 29.25 -8.42 0.42
CA GLY A 52 28.50 -9.35 1.24
C GLY A 52 27.70 -8.74 2.38
N SER A 53 27.91 -7.47 2.70
CA SER A 53 27.17 -6.86 3.81
C SER A 53 25.70 -6.71 3.50
N ASP A 54 24.87 -6.91 4.52
CA ASP A 54 23.47 -6.57 4.46
C ASP A 54 23.34 -5.06 4.62
N ALA A 55 22.53 -4.42 3.77
CA ALA A 55 22.37 -2.99 3.82
C ALA A 55 21.01 -2.63 3.20
N TYR A 56 20.76 -1.32 3.10
CA TYR A 56 19.56 -0.73 2.51
C TYR A 56 19.98 0.36 1.52
N ALA A 57 19.33 0.40 0.36
CA ALA A 57 19.37 1.58 -0.49
C ALA A 57 18.25 2.51 0.01
N VAL A 58 18.61 3.71 0.44
CA VAL A 58 17.67 4.64 1.04
C VAL A 58 17.58 5.87 0.15
N ILE A 59 16.37 6.15 -0.31
CA ILE A 59 16.09 7.15 -1.35
C ILE A 59 14.82 7.92 -0.98
N LYS A 60 14.94 9.24 -0.96
CA LYS A 60 13.82 10.14 -0.79
C LYS A 60 12.93 10.11 -2.03
N ALA A 61 11.61 10.14 -1.82
CA ALA A 61 10.69 10.09 -2.96
C ALA A 61 10.91 11.23 -3.95
N THR A 62 11.29 12.41 -3.45
CA THR A 62 11.49 13.58 -4.30
C THR A 62 12.74 13.45 -5.16
N SER A 63 13.55 12.41 -4.94
CA SER A 63 14.70 12.15 -5.77
C SER A 63 14.40 11.19 -6.91
N VAL A 64 13.20 10.60 -6.96
CA VAL A 64 12.84 9.55 -7.89
C VAL A 64 11.98 10.12 -9.02
N MET A 65 12.45 9.95 -10.24
CA MET A 65 11.70 10.28 -11.44
C MET A 65 11.04 9.04 -12.04
N ILE A 66 10.10 9.26 -12.93
CA ILE A 66 9.41 8.17 -13.60
C ILE A 66 9.75 8.23 -15.07
N GLY A 67 10.04 7.07 -15.65
CA GLY A 67 10.25 6.98 -17.08
C GLY A 67 9.30 5.99 -17.74
N ILE A 68 9.13 6.11 -19.05
CA ILE A 68 8.30 5.20 -19.83
C ILE A 68 9.01 4.95 -21.17
N ASP A 69 8.63 3.88 -21.83
CA ASP A 69 9.22 3.58 -23.13
C ASP A 69 8.83 4.63 -24.17
N ASP A 70 9.77 4.90 -25.09
CA ASP A 70 9.55 5.90 -26.12
C ASP A 70 8.30 5.58 -26.95
N TRP A 71 7.98 4.29 -27.12
CA TRP A 71 6.84 3.89 -27.95
C TRP A 71 5.57 3.90 -27.11
N SER A 72 5.49 4.82 -26.16
CA SER A 72 4.27 5.11 -25.43
C SER A 72 3.84 6.51 -25.81
N HIS A 73 2.57 6.67 -26.21
CA HIS A 73 2.03 7.95 -26.67
C HIS A 73 0.88 8.37 -25.77
N PRO A 74 1.17 8.73 -24.51
CA PRO A 74 0.23 9.49 -23.68
C PRO A 74 -0.34 10.70 -24.45
N MET B 1 15.61 8.66 -24.71
CA MET B 1 16.94 9.18 -24.37
C MET B 1 17.61 8.17 -23.44
N LYS B 2 18.93 8.06 -23.56
CA LYS B 2 19.72 7.21 -22.68
C LYS B 2 20.32 8.11 -21.62
N LEU B 3 20.18 7.73 -20.36
CA LEU B 3 20.47 8.61 -19.25
C LEU B 3 21.61 8.08 -18.39
N SER B 4 22.37 9.03 -17.82
CA SER B 4 23.48 8.69 -16.96
C SER B 4 23.02 8.15 -15.62
N ALA B 5 21.75 8.33 -15.27
CA ALA B 5 21.23 7.81 -14.00
C ALA B 5 21.58 6.34 -13.85
N ARG B 6 22.29 6.00 -12.79
CA ARG B 6 22.73 4.61 -12.68
C ARG B 6 21.58 3.66 -12.37
N ASN B 7 20.45 4.16 -11.88
CA ASN B 7 19.37 3.28 -11.47
C ASN B 7 18.15 3.53 -12.35
N GLN B 8 17.74 2.50 -13.11
CA GLN B 8 16.59 2.55 -14.04
C GLN B 8 15.82 1.24 -13.88
N LEU B 9 14.82 1.25 -13.02
CA LEU B 9 14.22 0.02 -12.52
C LEU B 9 12.81 -0.15 -13.07
N ALA B 10 12.64 -1.17 -13.91
CA ALA B 10 11.34 -1.40 -14.54
C ALA B 10 10.33 -1.85 -13.50
N GLY B 11 9.10 -1.41 -13.69
CA GLY B 11 8.04 -1.77 -12.76
C GLY B 11 6.71 -1.30 -13.29
N LYS B 12 5.67 -1.62 -12.54
CA LYS B 12 4.30 -1.30 -12.90
C LYS B 12 3.67 -0.38 -11.86
N VAL B 13 2.91 0.61 -12.32
CA VAL B 13 2.30 1.56 -11.40
C VAL B 13 1.25 0.86 -10.54
N VAL B 14 1.37 0.97 -9.23
CA VAL B 14 0.44 0.39 -8.27
C VAL B 14 -0.41 1.44 -7.53
N SER B 15 -0.01 2.70 -7.54
CA SER B 15 -0.85 3.74 -6.97
C SER B 15 -0.40 5.08 -7.52
N ILE B 16 -1.36 5.99 -7.59
CA ILE B 16 -1.12 7.38 -7.97
C ILE B 16 -1.95 8.24 -7.02
N LYS B 17 -1.27 9.04 -6.23
CA LYS B 17 -1.87 10.04 -5.36
C LYS B 17 -1.63 11.41 -6.01
N GLU B 18 -2.68 11.98 -6.56
CA GLU B 18 -2.59 13.27 -7.21
C GLU B 18 -2.61 14.36 -6.15
N GLY B 19 -1.75 15.36 -6.33
CA GLY B 19 -1.69 16.50 -5.42
C GLY B 19 -1.98 17.79 -6.13
N ALA B 20 -1.40 18.89 -5.65
CA ALA B 20 -1.67 20.20 -6.23
C ALA B 20 -0.77 20.48 -7.42
N VAL B 21 0.54 20.56 -7.19
CA VAL B 21 1.51 20.69 -8.27
C VAL B 21 2.35 19.43 -8.42
N ASN B 22 2.37 18.55 -7.43
CA ASN B 22 3.06 17.27 -7.50
C ASN B 22 2.08 16.13 -7.27
N GLY B 23 2.52 14.93 -7.60
CA GLY B 23 1.84 13.72 -7.20
C GLY B 23 2.88 12.68 -6.83
N ILE B 24 2.40 11.58 -6.28
CA ILE B 24 3.26 10.49 -5.82
C ILE B 24 2.85 9.23 -6.57
N VAL B 25 3.78 8.67 -7.32
CA VAL B 25 3.57 7.45 -8.09
C VAL B 25 4.35 6.32 -7.41
N VAL B 26 3.68 5.20 -7.14
CA VAL B 26 4.35 4.05 -6.56
C VAL B 26 4.49 2.97 -7.62
N LEU B 27 5.69 2.37 -7.70
CA LEU B 27 5.98 1.34 -8.69
C LEU B 27 6.34 0.02 -8.00
N ASP B 28 5.67 -1.06 -8.41
CA ASP B 28 6.09 -2.42 -8.06
C ASP B 28 7.19 -2.82 -9.03
N ILE B 29 8.41 -3.02 -8.51
CA ILE B 29 9.57 -3.36 -9.36
C ILE B 29 9.99 -4.82 -9.20
N GLY B 30 9.21 -5.63 -8.52
CA GLY B 30 9.54 -7.03 -8.36
C GLY B 30 10.39 -7.28 -7.12
N GLY B 31 10.51 -8.56 -6.81
CA GLY B 31 11.26 -8.96 -5.63
C GLY B 31 10.71 -8.46 -4.32
N GLY B 32 9.42 -8.13 -4.26
CA GLY B 32 8.85 -7.61 -3.03
C GLY B 32 9.18 -6.16 -2.72
N ASN B 33 9.72 -5.42 -3.68
CA ASN B 33 10.14 -4.04 -3.50
C ASN B 33 9.20 -3.07 -4.23
N GLN B 34 8.96 -1.94 -3.60
CA GLN B 34 8.20 -0.86 -4.23
C GLN B 34 9.04 0.39 -4.13
N ILE B 35 8.90 1.27 -5.11
CA ILE B 35 9.60 2.56 -5.14
C ILE B 35 8.57 3.66 -5.24
N SER B 36 8.67 4.65 -4.36
CA SER B 36 7.81 5.82 -4.37
C SER B 36 8.53 6.99 -5.04
N SER B 37 7.79 7.73 -5.87
CA SER B 37 8.31 8.86 -6.65
C SER B 37 7.41 10.07 -6.47
N THR B 38 7.99 11.18 -6.05
CA THR B 38 7.26 12.45 -5.96
C THR B 38 7.69 13.32 -7.12
N ILE B 39 6.77 13.56 -8.06
CA ILE B 39 7.05 14.27 -9.29
C ILE B 39 5.91 15.24 -9.55
N SER B 40 6.06 16.09 -10.55
CA SER B 40 5.04 17.09 -10.83
C SER B 40 3.78 16.47 -11.45
N MET B 41 2.62 17.08 -11.15
CA MET B 41 1.40 16.66 -11.81
C MET B 41 1.51 16.79 -13.33
N ASP B 42 2.20 17.82 -13.80
CA ASP B 42 2.39 17.95 -15.24
C ASP B 42 3.00 16.66 -15.80
N SER B 43 4.03 16.13 -15.16
CA SER B 43 4.66 14.94 -15.71
C SER B 43 3.78 13.71 -15.56
N ILE B 44 3.08 13.58 -14.45
CA ILE B 44 2.19 12.43 -14.31
C ILE B 44 1.18 12.42 -15.45
N ARG B 45 0.70 13.60 -15.84
CA ARG B 45 -0.25 13.69 -16.93
C ARG B 45 0.39 13.44 -18.29
N GLU B 46 1.49 14.14 -18.60
CA GLU B 46 2.07 14.04 -19.93
C GLU B 46 2.57 12.64 -20.24
N LEU B 47 3.07 11.92 -19.23
CA LEU B 47 3.49 10.53 -19.40
C LEU B 47 2.31 9.56 -19.44
N GLY B 48 1.09 10.04 -19.20
CA GLY B 48 -0.09 9.18 -19.25
C GLY B 48 -0.12 8.12 -18.18
N LEU B 49 0.52 8.37 -17.06
CA LEU B 49 0.60 7.34 -16.05
C LEU B 49 -0.78 7.04 -15.43
N GLN B 50 -1.13 5.75 -15.43
CA GLN B 50 -2.22 5.26 -14.60
C GLN B 50 -1.86 3.89 -14.04
N VAL B 51 -2.68 3.49 -13.08
CA VAL B 51 -2.46 2.23 -12.39
C VAL B 51 -2.32 1.14 -13.44
N GLY B 52 -1.23 0.41 -13.34
CA GLY B 52 -0.98 -0.65 -14.30
C GLY B 52 -0.05 -0.27 -15.43
N SER B 53 0.32 1.00 -15.56
CA SER B 53 1.25 1.40 -16.61
C SER B 53 2.63 0.82 -16.33
N ASP B 54 3.30 0.41 -17.38
CA ASP B 54 4.69 0.02 -17.32
C ASP B 54 5.54 1.29 -17.29
N ALA B 55 6.52 1.33 -16.39
CA ALA B 55 7.36 2.51 -16.26
C ALA B 55 8.71 2.09 -15.69
N TYR B 56 9.56 3.10 -15.44
CA TYR B 56 10.87 2.93 -14.83
C TYR B 56 11.00 3.96 -13.72
N ALA B 57 11.47 3.53 -12.56
CA ALA B 57 11.94 4.43 -11.52
C ALA B 57 13.38 4.79 -11.82
N VAL B 58 13.65 6.09 -12.00
CA VAL B 58 14.96 6.58 -12.42
C VAL B 58 15.57 7.38 -11.30
N ILE B 59 16.77 6.99 -10.88
CA ILE B 59 17.41 7.57 -9.71
C ILE B 59 18.90 7.71 -9.98
N LYS B 60 19.39 8.94 -9.83
CA LYS B 60 20.80 9.27 -9.90
C LYS B 60 21.53 8.64 -8.72
N ALA B 61 22.74 8.16 -8.97
CA ALA B 61 23.48 7.49 -7.91
C ALA B 61 23.73 8.42 -6.73
N THR B 62 23.96 9.71 -6.98
CA THR B 62 24.28 10.64 -5.89
C THR B 62 23.09 10.93 -5.00
N SER B 63 21.89 10.47 -5.37
CA SER B 63 20.70 10.60 -4.55
C SER B 63 20.45 9.37 -3.69
N VAL B 64 21.29 8.34 -3.77
CA VAL B 64 21.06 7.10 -3.05
C VAL B 64 21.97 7.05 -1.84
N MET B 65 21.38 6.92 -0.66
CA MET B 65 22.12 6.68 0.57
C MET B 65 22.10 5.20 0.91
N ILE B 66 22.99 4.83 1.82
CA ILE B 66 23.09 3.46 2.29
C ILE B 66 22.79 3.42 3.78
N GLY B 67 22.01 2.43 4.20
CA GLY B 67 21.73 2.20 5.60
C GLY B 67 22.04 0.77 6.00
N ILE B 68 22.19 0.58 7.32
CA ILE B 68 22.40 -0.74 7.87
C ILE B 68 21.67 -0.86 9.22
N ASP B 69 21.44 -2.10 9.62
CA ASP B 69 20.90 -2.42 10.93
C ASP B 69 21.96 -2.12 11.99
N MET C 1 14.42 6.25 -23.42
CA MET C 1 13.32 6.35 -22.43
C MET C 1 12.77 7.78 -22.43
N LYS C 2 11.48 7.95 -22.17
CA LYS C 2 10.89 9.28 -22.00
C LYS C 2 10.76 9.54 -20.50
N LEU C 3 11.24 10.69 -20.05
CA LEU C 3 11.42 10.92 -18.63
C LEU C 3 10.54 12.05 -18.11
N SER C 4 10.21 11.96 -16.81
CA SER C 4 9.41 12.98 -16.12
C SER C 4 10.19 14.25 -15.83
N ALA C 5 11.52 14.22 -15.88
CA ALA C 5 12.30 15.42 -15.57
C ALA C 5 11.81 16.61 -16.39
N ARG C 6 11.42 17.68 -15.69
CA ARG C 6 10.89 18.84 -16.41
C ARG C 6 11.94 19.53 -17.25
N ASN C 7 13.22 19.31 -16.96
CA ASN C 7 14.26 20.02 -17.68
C ASN C 7 15.11 19.03 -18.44
N GLN C 8 15.07 19.15 -19.78
CA GLN C 8 15.82 18.30 -20.71
C GLN C 8 16.37 19.22 -21.80
N LEU C 9 17.59 19.70 -21.59
CA LEU C 9 18.13 20.84 -22.33
C LEU C 9 19.26 20.37 -23.23
N ALA C 10 19.06 20.50 -24.55
CA ALA C 10 20.03 20.03 -25.52
C ALA C 10 21.30 20.87 -25.49
N GLY C 11 22.42 20.20 -25.75
CA GLY C 11 23.68 20.91 -25.77
C GLY C 11 24.80 20.05 -26.25
N LYS C 12 25.98 20.68 -26.25
CA LYS C 12 27.25 20.13 -26.70
C LYS C 12 28.25 20.08 -25.57
N VAL C 13 29.03 19.00 -25.50
CA VAL C 13 30.05 18.93 -24.46
C VAL C 13 31.17 19.91 -24.75
N VAL C 14 31.54 20.75 -23.76
CA VAL C 14 32.70 21.63 -23.92
C VAL C 14 33.91 21.17 -23.11
N SER C 15 33.70 20.41 -22.04
CA SER C 15 34.81 19.91 -21.27
C SER C 15 34.38 18.71 -20.46
N ILE C 16 35.36 17.86 -20.16
CA ILE C 16 35.18 16.72 -19.27
C ILE C 16 36.40 16.62 -18.39
N LYS C 17 36.23 16.82 -17.09
CA LYS C 17 37.27 16.65 -16.10
C LYS C 17 36.99 15.31 -15.40
N GLU C 18 37.84 14.31 -15.60
CA GLU C 18 37.64 12.99 -14.99
C GLU C 18 38.14 12.99 -13.55
N GLY C 19 37.43 12.27 -12.68
CA GLY C 19 37.81 12.12 -11.29
C GLY C 19 38.04 10.65 -10.93
N ALA C 20 37.85 10.29 -9.67
CA ALA C 20 38.11 8.92 -9.23
C ALA C 20 36.89 8.04 -9.50
N VAL C 21 35.76 8.36 -8.90
CA VAL C 21 34.51 7.67 -9.22
C VAL C 21 33.52 8.54 -9.99
N ASN C 22 33.68 9.86 -9.96
CA ASN C 22 32.83 10.77 -10.71
C ASN C 22 33.70 11.60 -11.65
N GLY C 23 33.02 12.24 -12.60
CA GLY C 23 33.62 13.28 -13.40
C GLY C 23 32.64 14.41 -13.59
N ILE C 24 33.12 15.52 -14.14
CA ILE C 24 32.31 16.73 -14.32
C ILE C 24 32.25 17.05 -15.81
N VAL C 25 31.04 17.06 -16.35
CA VAL C 25 30.76 17.36 -17.75
C VAL C 25 30.16 18.75 -17.83
N VAL C 26 30.71 19.59 -18.70
CA VAL C 26 30.16 20.92 -18.97
C VAL C 26 29.49 20.89 -20.34
N LEU C 27 28.26 21.38 -20.40
CA LEU C 27 27.51 21.40 -21.66
C LEU C 27 27.18 22.85 -22.01
N ASP C 28 27.50 23.25 -23.23
CA ASP C 28 27.05 24.53 -23.78
C ASP C 28 25.63 24.33 -24.29
N ILE C 29 24.66 25.04 -23.71
CA ILE C 29 23.28 24.88 -24.16
C ILE C 29 22.81 26.06 -25.00
N GLY C 30 23.71 26.96 -25.37
CA GLY C 30 23.34 28.07 -26.20
C GLY C 30 22.92 29.30 -25.42
N GLY C 31 22.81 30.39 -26.15
CA GLY C 31 22.47 31.63 -25.50
C GLY C 31 23.46 32.07 -24.46
N GLY C 32 24.71 31.58 -24.55
CA GLY C 32 25.73 31.88 -23.56
C GLY C 32 25.62 31.11 -22.27
N ASN C 33 24.80 30.07 -22.21
CA ASN C 33 24.55 29.33 -20.99
C ASN C 33 25.32 28.01 -20.99
N GLN C 34 25.87 27.68 -19.84
CA GLN C 34 26.55 26.41 -19.68
C GLN C 34 25.99 25.73 -18.44
N ILE C 35 25.98 24.42 -18.49
CA ILE C 35 25.46 23.58 -17.42
C ILE C 35 26.60 22.68 -16.97
N SER C 36 26.89 22.64 -15.66
CA SER C 36 27.86 21.67 -15.14
C SER C 36 27.15 20.50 -14.46
N SER C 37 27.61 19.28 -14.76
CA SER C 37 26.99 18.04 -14.33
C SER C 37 28.07 17.20 -13.67
N THR C 38 27.82 16.75 -12.44
CA THR C 38 28.73 15.83 -11.76
C THR C 38 28.09 14.45 -11.77
N ILE C 39 28.69 13.50 -12.50
CA ILE C 39 28.11 12.17 -12.67
C ILE C 39 29.20 11.12 -12.54
N SER C 40 28.79 9.85 -12.53
CA SER C 40 29.76 8.79 -12.32
C SER C 40 30.64 8.66 -13.56
N MET C 41 31.91 8.34 -13.33
CA MET C 41 32.79 8.07 -14.45
C MET C 41 32.26 6.92 -15.29
N ASP C 42 31.67 5.92 -14.64
CA ASP C 42 31.08 4.82 -15.40
C ASP C 42 30.08 5.32 -16.44
N SER C 43 29.24 6.30 -16.07
CA SER C 43 28.27 6.80 -17.02
C SER C 43 28.93 7.69 -18.09
N ILE C 44 29.96 8.44 -17.71
CA ILE C 44 30.67 9.24 -18.71
C ILE C 44 31.25 8.32 -19.77
N ARG C 45 31.75 7.16 -19.34
CA ARG C 45 32.30 6.18 -20.27
C ARG C 45 31.22 5.50 -21.09
N GLU C 46 30.18 4.99 -20.43
CA GLU C 46 29.17 4.20 -21.13
C GLU C 46 28.46 5.01 -22.19
N LEU C 47 28.21 6.28 -21.91
CA LEU C 47 27.60 7.20 -22.85
C LEU C 47 28.59 7.69 -23.91
N GLY C 48 29.85 7.32 -23.82
CA GLY C 48 30.80 7.72 -24.83
C GLY C 48 31.01 9.21 -24.92
N LEU C 49 30.79 9.93 -23.82
CA LEU C 49 30.93 11.38 -23.87
C LEU C 49 32.38 11.80 -24.13
N GLN C 50 32.54 12.76 -25.05
CA GLN C 50 33.82 13.44 -25.20
C GLN C 50 33.52 14.85 -25.68
N VAL C 51 34.53 15.72 -25.62
CA VAL C 51 34.34 17.09 -26.08
C VAL C 51 33.76 17.07 -27.48
N GLY C 52 32.66 17.79 -27.66
CA GLY C 52 31.98 17.85 -28.92
C GLY C 52 30.77 16.95 -29.07
N SER C 53 30.56 16.00 -28.16
CA SER C 53 29.38 15.13 -28.24
C SER C 53 28.10 15.91 -27.98
N ASP C 54 27.06 15.55 -28.69
CA ASP C 54 25.74 16.08 -28.41
C ASP C 54 25.13 15.35 -27.23
N ALA C 55 24.48 16.09 -26.35
CA ALA C 55 23.86 15.45 -25.20
C ALA C 55 22.77 16.37 -24.65
N TYR C 56 22.20 15.97 -23.53
CA TYR C 56 21.19 16.78 -22.85
C TYR C 56 21.54 16.90 -21.36
N ALA C 57 21.39 18.10 -20.81
CA ALA C 57 21.40 18.29 -19.36
C ALA C 57 19.99 18.01 -18.82
N VAL C 58 19.89 17.03 -17.93
CA VAL C 58 18.61 16.52 -17.43
C VAL C 58 18.52 16.84 -15.94
N ILE C 59 17.47 17.56 -15.55
CA ILE C 59 17.35 18.10 -14.21
C ILE C 59 15.89 17.96 -13.78
N LYS C 60 15.70 17.32 -12.62
CA LYS C 60 14.40 17.23 -11.99
C LYS C 60 13.97 18.60 -11.47
N ALA C 61 12.69 18.89 -11.59
CA ALA C 61 12.20 20.20 -11.16
C ALA C 61 12.43 20.42 -9.67
N THR C 62 12.29 19.37 -8.86
CA THR C 62 12.47 19.52 -7.42
C THR C 62 13.92 19.81 -7.05
N SER C 63 14.85 19.71 -8.00
CA SER C 63 16.26 20.03 -7.79
C SER C 63 16.63 21.46 -8.16
N VAL C 64 15.71 22.25 -8.70
CA VAL C 64 15.99 23.58 -9.19
C VAL C 64 15.49 24.62 -8.18
N MET C 65 16.39 25.48 -7.73
CA MET C 65 16.07 26.62 -6.88
C MET C 65 16.00 27.89 -7.73
N ILE C 66 15.41 28.92 -7.14
CA ILE C 66 15.26 30.22 -7.77
C ILE C 66 16.05 31.24 -6.96
N GLY C 67 16.79 32.10 -7.66
CA GLY C 67 17.50 33.18 -7.02
C GLY C 67 17.14 34.53 -7.61
N ILE C 68 17.44 35.58 -6.82
CA ILE C 68 17.28 36.98 -7.23
C ILE C 68 18.47 37.76 -6.67
N ASP C 69 18.69 38.95 -7.23
CA ASP C 69 19.74 39.85 -6.79
C ASP C 69 19.51 40.45 -5.39
N MET D 1 17.69 2.29 12.08
CA MET D 1 18.67 2.18 10.97
C MET D 1 19.74 3.23 11.16
N LYS D 2 20.97 2.87 10.79
CA LYS D 2 22.10 3.78 10.74
C LYS D 2 22.33 4.15 9.27
N LEU D 3 22.38 5.44 8.98
CA LEU D 3 22.33 5.94 7.63
C LEU D 3 23.65 6.60 7.25
N SER D 4 23.99 6.54 5.96
CA SER D 4 25.21 7.16 5.49
C SER D 4 25.11 8.67 5.41
N ALA D 5 23.90 9.24 5.40
CA ALA D 5 23.78 10.70 5.34
C ALA D 5 24.68 11.33 6.39
N ARG D 6 25.63 12.19 5.97
CA ARG D 6 26.56 12.75 6.93
C ARG D 6 25.93 13.78 7.87
N ASN D 7 24.76 14.33 7.53
CA ASN D 7 24.18 15.39 8.34
C ASN D 7 22.92 14.90 9.02
N GLN D 8 22.96 14.84 10.36
CA GLN D 8 21.85 14.36 11.17
C GLN D 8 21.72 15.25 12.41
N LEU D 9 20.82 16.22 12.36
CA LEU D 9 20.76 17.29 13.36
C LEU D 9 19.49 17.18 14.19
N ALA D 10 19.66 16.97 15.49
CA ALA D 10 18.52 16.83 16.39
C ALA D 10 17.76 18.14 16.50
N GLY D 11 16.45 18.03 16.73
CA GLY D 11 15.66 19.24 16.84
C GLY D 11 14.25 18.96 17.32
N LYS D 12 13.50 20.05 17.47
CA LYS D 12 12.14 20.04 17.99
C LYS D 12 11.22 20.61 16.91
N VAL D 13 10.09 19.97 16.66
CA VAL D 13 9.19 20.48 15.64
C VAL D 13 8.52 21.76 16.12
N VAL D 14 8.61 22.82 15.33
CA VAL D 14 7.95 24.08 15.66
C VAL D 14 6.70 24.32 14.82
N SER D 15 6.60 23.75 13.61
CA SER D 15 5.40 23.87 12.79
C SER D 15 5.35 22.73 11.78
N ILE D 16 4.13 22.44 11.32
CA ILE D 16 3.91 21.45 10.28
C ILE D 16 2.86 22.02 9.35
N LYS D 17 3.22 22.25 8.09
CA LYS D 17 2.28 22.73 7.10
C LYS D 17 1.86 21.55 6.23
N GLU D 18 0.61 21.13 6.38
CA GLU D 18 0.10 20.01 5.63
C GLU D 18 -0.30 20.50 4.25
N GLY D 19 0.09 19.75 3.22
CA GLY D 19 -0.29 20.06 1.85
C GLY D 19 -1.13 18.98 1.21
N ALA D 20 -1.05 18.87 -0.12
CA ALA D 20 -1.88 17.91 -0.85
C ALA D 20 -1.25 16.52 -0.80
N VAL D 21 -0.05 16.38 -1.35
CA VAL D 21 0.72 15.16 -1.21
C VAL D 21 1.99 15.36 -0.36
N ASN D 22 2.47 16.60 -0.20
CA ASN D 22 3.61 16.88 0.66
C ASN D 22 3.21 17.85 1.76
N GLY D 23 4.08 17.94 2.78
CA GLY D 23 3.99 18.97 3.78
C GLY D 23 5.39 19.46 4.14
N ILE D 24 5.43 20.53 4.94
CA ILE D 24 6.70 21.16 5.30
C ILE D 24 6.83 21.18 6.82
N VAL D 25 7.87 20.49 7.31
CA VAL D 25 8.15 20.40 8.75
C VAL D 25 9.28 21.37 9.07
N VAL D 26 9.05 22.23 10.05
CA VAL D 26 10.09 23.15 10.50
C VAL D 26 10.62 22.62 11.81
N LEU D 27 11.93 22.49 11.90
CA LEU D 27 12.60 21.94 13.05
C LEU D 27 13.50 23.03 13.61
N ASP D 28 13.31 23.36 14.88
CA ASP D 28 14.27 24.20 15.54
C ASP D 28 15.40 23.29 15.99
N ILE D 29 16.61 23.56 15.52
CA ILE D 29 17.73 22.70 15.88
C ILE D 29 18.60 23.34 16.96
N GLY D 30 18.14 24.44 17.53
CA GLY D 30 18.86 25.18 18.56
C GLY D 30 19.73 26.30 18.00
N GLY D 31 20.13 27.19 18.92
CA GLY D 31 20.99 28.31 18.57
C GLY D 31 20.41 29.31 17.60
N GLY D 32 19.09 29.37 17.50
CA GLY D 32 18.44 30.26 16.57
C GLY D 32 18.40 29.76 15.16
N ASN D 33 18.72 28.50 14.92
CA ASN D 33 18.67 27.92 13.58
C ASN D 33 17.47 27.00 13.47
N GLN D 34 16.84 27.05 12.30
CA GLN D 34 15.75 26.16 11.92
C GLN D 34 16.08 25.48 10.60
N ILE D 35 15.55 24.28 10.44
CA ILE D 35 15.66 23.52 9.20
C ILE D 35 14.24 23.25 8.71
N SER D 36 13.98 23.60 7.47
CA SER D 36 12.71 23.29 6.82
C SER D 36 12.91 22.06 5.96
N SER D 37 11.96 21.13 6.05
CA SER D 37 12.01 19.85 5.36
C SER D 37 10.71 19.64 4.62
N THR D 38 10.78 19.43 3.30
CA THR D 38 9.60 19.16 2.48
C THR D 38 9.54 17.67 2.20
N ILE D 39 8.51 17.00 2.73
CA ILE D 39 8.40 15.55 2.70
C ILE D 39 6.95 15.14 2.41
N SER D 40 6.72 13.85 2.23
CA SER D 40 5.37 13.36 1.92
C SER D 40 4.47 13.36 3.16
N MET D 41 3.18 13.64 2.98
CA MET D 41 2.27 13.56 4.11
C MET D 41 2.24 12.14 4.71
N ASP D 42 2.35 11.13 3.85
CA ASP D 42 2.40 9.75 4.35
C ASP D 42 3.51 9.59 5.38
N SER D 43 4.68 10.16 5.14
CA SER D 43 5.76 9.99 6.09
C SER D 43 5.53 10.82 7.35
N ILE D 44 5.00 12.03 7.19
CA ILE D 44 4.69 12.86 8.35
C ILE D 44 3.73 12.13 9.27
N ARG D 45 2.73 11.44 8.70
CA ARG D 45 1.79 10.68 9.51
C ARG D 45 2.44 9.44 10.08
N GLU D 46 3.12 8.66 9.23
CA GLU D 46 3.71 7.40 9.67
C GLU D 46 4.77 7.62 10.74
N LEU D 47 5.51 8.74 10.69
CA LEU D 47 6.44 9.07 11.76
C LEU D 47 5.74 9.67 12.99
N GLY D 48 4.44 9.92 12.93
CA GLY D 48 3.75 10.48 14.09
C GLY D 48 4.20 11.87 14.45
N LEU D 49 4.69 12.64 13.49
CA LEU D 49 5.17 13.98 13.79
C LEU D 49 4.02 14.87 14.24
N GLN D 50 4.30 15.65 15.27
CA GLN D 50 3.43 16.70 15.78
C GLN D 50 4.30 17.88 16.22
N VAL D 51 3.68 19.04 16.35
CA VAL D 51 4.38 20.17 16.95
C VAL D 51 4.87 19.72 18.32
N GLY D 52 6.14 19.96 18.60
CA GLY D 52 6.71 19.53 19.85
C GLY D 52 7.43 18.20 19.77
N SER D 53 7.27 17.45 18.67
CA SER D 53 7.94 16.17 18.54
C SER D 53 9.46 16.35 18.48
N ASP D 54 10.17 15.42 19.11
CA ASP D 54 11.62 15.31 18.92
C ASP D 54 11.85 14.61 17.59
N ALA D 55 12.78 15.13 16.79
CA ALA D 55 13.08 14.55 15.50
C ALA D 55 14.51 14.90 15.11
N TYR D 56 14.89 14.50 13.89
CA TYR D 56 16.19 14.80 13.32
C TYR D 56 16.02 15.28 11.88
N ALA D 57 16.76 16.34 11.52
CA ALA D 57 16.93 16.72 10.12
C ALA D 57 18.04 15.86 9.54
N VAL D 58 17.74 15.13 8.47
CA VAL D 58 18.69 14.21 7.83
C VAL D 58 18.95 14.67 6.41
N ILE D 59 20.22 14.90 6.09
CA ILE D 59 20.62 15.53 4.84
C ILE D 59 21.86 14.84 4.31
N LYS D 60 21.76 14.34 3.08
CA LYS D 60 22.90 13.77 2.39
C LYS D 60 23.91 14.87 2.11
N ALA D 61 25.20 14.50 2.26
CA ALA D 61 26.25 15.47 2.08
C ALA D 61 26.18 16.12 0.71
N THR D 62 25.83 15.34 -0.31
CA THR D 62 25.80 15.83 -1.68
C THR D 62 24.66 16.81 -1.93
N SER D 63 23.72 16.96 -1.00
CA SER D 63 22.64 17.93 -1.12
C SER D 63 22.97 19.27 -0.50
N VAL D 64 24.14 19.42 0.14
CA VAL D 64 24.50 20.63 0.86
C VAL D 64 25.45 21.47 0.01
N MET D 65 25.06 22.70 -0.24
CA MET D 65 25.92 23.68 -0.89
C MET D 65 26.56 24.57 0.17
N ILE D 66 27.61 25.25 -0.22
CA ILE D 66 28.33 26.19 0.63
C ILE D 66 28.16 27.58 0.01
N GLY D 67 27.87 28.57 0.86
CA GLY D 67 27.80 29.93 0.41
C GLY D 67 28.68 30.82 1.26
N ILE D 68 28.99 32.00 0.70
CA ILE D 68 29.73 33.04 1.41
C ILE D 68 29.09 34.37 1.10
N ASP D 69 29.32 35.34 1.96
CA ASP D 69 28.80 36.69 1.73
C ASP D 69 29.48 37.34 0.50
N MET E 1 24.20 36.31 -1.12
CA MET E 1 25.46 35.53 -0.98
C MET E 1 25.89 34.90 -2.29
N LYS E 2 27.16 34.52 -2.35
CA LYS E 2 27.72 33.76 -3.46
C LYS E 2 27.70 32.27 -3.12
N LEU E 3 27.22 31.47 -4.06
CA LEU E 3 26.92 30.07 -3.79
C LEU E 3 27.81 29.14 -4.61
N SER E 4 28.04 27.94 -4.06
CA SER E 4 28.87 26.93 -4.73
C SER E 4 28.16 26.28 -5.91
N ALA E 5 26.83 26.39 -5.99
CA ALA E 5 26.12 25.76 -7.07
C ALA E 5 26.74 26.13 -8.41
N ARG E 6 27.23 25.13 -9.14
CA ARG E 6 27.90 25.44 -10.39
C ARG E 6 26.94 25.97 -11.45
N ASN E 7 25.61 25.84 -11.28
CA ASN E 7 24.68 26.28 -12.32
C ASN E 7 23.85 27.44 -11.78
N GLN E 8 24.05 28.64 -12.33
CA GLN E 8 23.31 29.83 -11.90
C GLN E 8 22.94 30.63 -13.16
N LEU E 9 21.75 30.39 -13.69
CA LEU E 9 21.38 30.83 -15.03
C LEU E 9 20.33 31.93 -14.97
N ALA E 10 20.67 33.11 -15.49
CA ALA E 10 19.77 34.25 -15.48
C ALA E 10 18.58 34.03 -16.40
N GLY E 11 17.42 34.52 -15.96
CA GLY E 11 16.21 34.30 -16.74
C GLY E 11 15.05 35.13 -16.24
N LYS E 12 13.93 34.99 -16.95
CA LYS E 12 12.70 35.74 -16.70
C LYS E 12 11.55 34.81 -16.37
N VAL E 13 10.80 35.14 -15.33
CA VAL E 13 9.69 34.30 -14.95
C VAL E 13 8.64 34.36 -16.04
N VAL E 14 8.26 33.19 -16.55
CA VAL E 14 7.22 33.06 -17.56
C VAL E 14 5.90 32.54 -16.98
N SER E 15 5.94 31.77 -15.90
CA SER E 15 4.72 31.25 -15.28
C SER E 15 4.98 30.84 -13.84
N ILE E 16 3.94 30.87 -13.04
CA ILE E 16 3.97 30.41 -11.66
C ILE E 16 2.67 29.63 -11.46
N LYS E 17 2.80 28.35 -11.19
CA LYS E 17 1.66 27.49 -10.85
C LYS E 17 1.71 27.27 -9.35
N GLU E 18 0.74 27.81 -8.64
CA GLU E 18 0.73 27.69 -7.19
C GLU E 18 0.16 26.35 -6.78
N GLY E 19 0.76 25.75 -5.76
CA GLY E 19 0.27 24.51 -5.18
C GLY E 19 -0.10 24.66 -3.72
N ALA E 20 -0.05 23.56 -2.96
CA ALA E 20 -0.49 23.60 -1.57
C ALA E 20 0.62 24.08 -0.65
N VAL E 21 1.74 23.37 -0.62
CA VAL E 21 2.94 23.86 0.05
C VAL E 21 4.04 24.23 -0.94
N ASN E 22 3.96 23.77 -2.20
CA ASN E 22 4.92 24.12 -3.23
C ASN E 22 4.22 24.84 -4.38
N GLY E 23 5.07 25.46 -5.22
CA GLY E 23 4.68 25.93 -6.53
C GLY E 23 5.77 25.60 -7.51
N ILE E 24 5.46 25.80 -8.81
CA ILE E 24 6.35 25.50 -9.92
C ILE E 24 6.55 26.79 -10.72
N VAL E 25 7.79 27.25 -10.78
CA VAL E 25 8.16 28.47 -11.48
C VAL E 25 8.91 28.09 -12.74
N VAL E 26 8.51 28.67 -13.88
CA VAL E 26 9.18 28.45 -15.16
C VAL E 26 9.97 29.71 -15.50
N LEU E 27 11.24 29.54 -15.87
CA LEU E 27 12.15 30.63 -16.16
C LEU E 27 12.60 30.50 -17.62
N ASP E 28 12.43 31.56 -18.39
CA ASP E 28 13.00 31.65 -19.73
C ASP E 28 14.44 32.11 -19.59
N ILE E 29 15.39 31.24 -19.93
CA ILE E 29 16.81 31.59 -19.76
C ILE E 29 17.48 31.95 -21.06
N GLY E 30 16.72 32.11 -22.14
CA GLY E 30 17.29 32.50 -23.41
C GLY E 30 17.69 31.31 -24.27
N GLY E 31 18.01 31.63 -25.52
CA GLY E 31 18.36 30.58 -26.46
C GLY E 31 17.26 29.57 -26.68
N GLY E 32 16.02 29.95 -26.40
CA GLY E 32 14.89 29.04 -26.54
C GLY E 32 14.74 27.99 -25.46
N ASN E 33 15.46 28.10 -24.35
CA ASN E 33 15.39 27.14 -23.25
C ASN E 33 14.64 27.70 -22.06
N GLN E 34 13.86 26.84 -21.41
CA GLN E 34 13.15 27.16 -20.18
C GLN E 34 13.49 26.14 -19.11
N ILE E 35 13.49 26.60 -17.86
CA ILE E 35 13.82 25.81 -16.70
C ILE E 35 12.61 25.80 -15.78
N SER E 36 12.16 24.62 -15.38
CA SER E 36 11.09 24.48 -14.40
C SER E 36 11.67 24.13 -13.04
N SER E 37 11.18 24.84 -12.00
CA SER E 37 11.66 24.76 -10.63
C SER E 37 10.49 24.50 -9.69
N THR E 38 10.58 23.42 -8.91
CA THR E 38 9.58 23.08 -7.91
C THR E 38 10.13 23.48 -6.54
N ILE E 39 9.55 24.53 -5.96
CA ILE E 39 10.05 25.13 -4.72
C ILE E 39 8.84 25.42 -3.83
N SER E 40 9.13 25.84 -2.59
CA SER E 40 8.07 26.11 -1.63
C SER E 40 7.33 27.39 -1.98
N MET E 41 6.03 27.41 -1.68
CA MET E 41 5.26 28.65 -1.83
C MET E 41 5.86 29.74 -0.97
N ASP E 42 6.42 29.39 0.20
CA ASP E 42 7.02 30.38 1.08
C ASP E 42 8.07 31.18 0.32
N SER E 43 8.92 30.48 -0.44
CA SER E 43 9.98 31.16 -1.19
C SER E 43 9.43 31.89 -2.41
N ILE E 44 8.40 31.34 -3.06
CA ILE E 44 7.78 32.07 -4.17
C ILE E 44 7.26 33.42 -3.69
N ARG E 45 6.61 33.45 -2.53
CA ARG E 45 6.13 34.72 -2.00
C ARG E 45 7.27 35.59 -1.49
N GLU E 46 8.16 35.02 -0.68
CA GLU E 46 9.19 35.81 -0.03
C GLU E 46 10.13 36.45 -1.04
N LEU E 47 10.40 35.78 -2.16
CA LEU E 47 11.23 36.35 -3.23
C LEU E 47 10.44 37.31 -4.11
N GLY E 48 9.13 37.43 -3.91
CA GLY E 48 8.35 38.34 -4.72
C GLY E 48 8.29 37.95 -6.17
N LEU E 49 8.44 36.67 -6.46
CA LEU E 49 8.39 36.24 -7.85
C LEU E 49 6.98 36.36 -8.40
N GLN E 50 6.87 37.02 -9.55
CA GLN E 50 5.68 37.03 -10.38
C GLN E 50 6.13 37.11 -11.83
N VAL E 51 5.16 36.89 -12.72
CA VAL E 51 5.44 36.87 -14.15
C VAL E 51 6.22 38.12 -14.50
N GLY E 52 7.35 37.92 -15.20
CA GLY E 52 8.21 39.01 -15.62
C GLY E 52 9.41 39.29 -14.72
N SER E 53 9.47 38.74 -13.52
CA SER E 53 10.60 39.02 -12.64
C SER E 53 11.91 38.50 -13.22
N ASP E 54 13.00 39.23 -12.99
CA ASP E 54 14.34 38.74 -13.29
C ASP E 54 14.75 37.79 -12.16
N ALA E 55 15.32 36.64 -12.51
CA ALA E 55 15.71 35.69 -11.49
C ALA E 55 16.82 34.79 -12.06
N TYR E 56 17.18 33.78 -11.29
CA TYR E 56 18.16 32.79 -11.71
C TYR E 56 17.62 31.39 -11.35
N ALA E 57 17.78 30.45 -12.27
CA ALA E 57 17.61 29.04 -11.94
C ALA E 57 18.94 28.55 -11.38
N VAL E 58 18.93 28.03 -10.15
CA VAL E 58 20.15 27.65 -9.45
C VAL E 58 20.10 26.13 -9.23
N ILE E 59 21.14 25.44 -9.70
CA ILE E 59 21.18 23.99 -9.73
C ILE E 59 22.59 23.54 -9.36
N LYS E 60 22.65 22.67 -8.35
CA LYS E 60 23.91 22.04 -7.95
C LYS E 60 24.37 21.03 -9.01
N ALA E 61 25.69 20.97 -9.21
CA ALA E 61 26.23 20.10 -10.24
C ALA E 61 25.83 18.65 -10.01
N THR E 62 25.74 18.23 -8.74
CA THR E 62 25.39 16.85 -8.47
C THR E 62 23.93 16.52 -8.75
N SER E 63 23.08 17.52 -9.01
CA SER E 63 21.69 17.27 -9.36
C SER E 63 21.48 17.16 -10.87
N VAL E 64 22.51 17.38 -11.68
CA VAL E 64 22.39 17.43 -13.14
C VAL E 64 22.91 16.12 -13.73
N MET E 65 22.05 15.43 -14.44
CA MET E 65 22.38 14.22 -15.17
C MET E 65 22.65 14.54 -16.65
N ILE E 66 23.29 13.60 -17.33
CA ILE E 66 23.61 13.75 -18.76
C ILE E 66 22.87 12.68 -19.54
N GLY E 67 22.20 13.09 -20.60
CA GLY E 67 21.53 12.14 -21.48
C GLY E 67 21.97 12.24 -22.92
N ILE E 68 21.71 11.21 -23.73
CA ILE E 68 22.05 11.27 -25.14
C ILE E 68 20.94 10.61 -25.95
N ASP E 69 20.87 11.00 -27.23
CA ASP E 69 19.98 10.37 -28.21
C ASP E 69 20.57 9.01 -28.54
N ASP E 70 19.89 7.92 -28.17
CA ASP E 70 20.50 6.60 -28.36
C ASP E 70 20.15 6.07 -29.74
N TRP E 71 20.74 6.71 -30.75
CA TRP E 71 20.61 6.28 -32.14
C TRP E 71 21.92 5.56 -32.43
N MET F 1 23.27 37.17 -4.19
CA MET F 1 21.99 36.55 -4.63
C MET F 1 21.17 36.08 -3.44
N LYS F 2 19.86 36.21 -3.53
CA LYS F 2 18.97 35.69 -2.50
C LYS F 2 18.32 34.45 -3.08
N LEU F 3 18.35 33.37 -2.32
CA LEU F 3 18.03 32.06 -2.87
C LEU F 3 16.77 31.51 -2.22
N SER F 4 16.06 30.70 -3.00
CA SER F 4 14.86 30.06 -2.48
C SER F 4 15.18 28.99 -1.45
N ALA F 5 16.43 28.51 -1.38
CA ALA F 5 16.75 27.48 -0.42
C ALA F 5 16.27 27.89 0.96
N ARG F 6 15.39 27.09 1.55
CA ARG F 6 14.87 27.53 2.84
C ARG F 6 15.90 27.42 3.94
N ASN F 7 16.98 26.68 3.76
CA ASN F 7 17.93 26.47 4.84
C ASN F 7 19.27 27.11 4.49
N GLN F 8 19.68 28.10 5.28
CA GLN F 8 20.94 28.84 5.10
C GLN F 8 21.54 29.01 6.49
N LEU F 9 22.49 28.15 6.83
CA LEU F 9 22.99 27.96 8.19
C LEU F 9 24.43 28.47 8.28
N ALA F 10 24.66 29.50 9.10
CA ALA F 10 25.98 30.07 9.22
C ALA F 10 26.95 29.12 9.93
N GLY F 11 28.22 29.20 9.53
CA GLY F 11 29.20 28.32 10.15
C GLY F 11 30.64 28.68 9.81
N LYS F 12 31.52 27.90 10.40
CA LYS F 12 32.96 28.06 10.33
C LYS F 12 33.57 26.80 9.74
N VAL F 13 34.42 26.97 8.74
CA VAL F 13 34.98 25.80 8.10
C VAL F 13 35.97 25.17 9.06
N VAL F 14 35.79 23.88 9.31
CA VAL F 14 36.64 23.16 10.24
C VAL F 14 37.65 22.29 9.49
N SER F 15 37.26 21.80 8.32
CA SER F 15 38.15 20.97 7.51
C SER F 15 37.69 21.02 6.07
N ILE F 16 38.63 20.76 5.18
CA ILE F 16 38.36 20.65 3.75
C ILE F 16 39.12 19.45 3.24
N LYS F 17 38.42 18.46 2.70
CA LYS F 17 39.07 17.29 2.12
C LYS F 17 39.04 17.45 0.61
N GLU F 18 40.22 17.64 0.02
CA GLU F 18 40.33 17.83 -1.41
C GLU F 18 40.30 16.46 -2.06
N GLY F 19 39.47 16.30 -3.09
CA GLY F 19 39.44 15.05 -3.82
C GLY F 19 39.80 15.23 -5.28
N ALA F 20 39.32 14.37 -6.16
CA ALA F 20 39.73 14.47 -7.56
C ALA F 20 38.94 15.55 -8.30
N VAL F 21 37.62 15.41 -8.39
CA VAL F 21 36.78 16.47 -8.93
C VAL F 21 35.90 17.11 -7.86
N ASN F 22 35.65 16.43 -6.74
CA ASN F 22 34.86 16.96 -5.65
C ASN F 22 35.70 17.04 -4.38
N GLY F 23 35.20 17.82 -3.40
CA GLY F 23 35.76 17.83 -2.07
C GLY F 23 34.66 17.91 -1.03
N ILE F 24 35.05 17.73 0.22
CA ILE F 24 34.09 17.71 1.34
C ILE F 24 34.49 18.78 2.35
N VAL F 25 33.61 19.76 2.53
CA VAL F 25 33.80 20.86 3.47
C VAL F 25 32.96 20.58 4.70
N VAL F 26 33.57 20.66 5.87
CA VAL F 26 32.86 20.48 7.14
C VAL F 26 32.69 21.85 7.76
N LEU F 27 31.46 22.18 8.15
CA LEU F 27 31.14 23.47 8.74
C LEU F 27 30.62 23.25 10.15
N ASP F 28 31.26 23.90 11.11
CA ASP F 28 30.77 23.97 12.48
C ASP F 28 29.67 25.02 12.49
N ILE F 29 28.45 24.61 12.80
CA ILE F 29 27.34 25.55 12.85
C ILE F 29 26.94 25.87 14.29
N GLY F 30 27.75 25.44 15.26
CA GLY F 30 27.54 25.72 16.67
C GLY F 30 26.74 24.66 17.39
N GLY F 31 26.77 24.74 18.71
CA GLY F 31 26.02 23.79 19.50
C GLY F 31 26.41 22.35 19.32
N GLY F 32 27.63 22.09 18.88
CA GLY F 32 28.06 20.72 18.65
C GLY F 32 27.58 20.09 17.36
N ASN F 33 27.01 20.88 16.46
CA ASN F 33 26.53 20.37 15.18
C ASN F 33 27.47 20.81 14.06
N GLN F 34 27.73 19.88 13.15
CA GLN F 34 28.52 20.18 11.95
C GLN F 34 27.75 19.70 10.73
N ILE F 35 27.96 20.38 9.62
CA ILE F 35 27.35 20.04 8.34
C ILE F 35 28.46 19.76 7.35
N SER F 36 28.40 18.59 6.72
CA SER F 36 29.34 18.22 5.68
C SER F 36 28.69 18.44 4.34
N SER F 37 29.47 19.02 3.42
CA SER F 37 29.01 19.42 2.10
C SER F 37 29.98 18.79 1.11
N THR F 38 29.44 18.01 0.18
CA THR F 38 30.23 17.41 -0.90
C THR F 38 29.95 18.27 -2.13
N ILE F 39 30.96 19.01 -2.59
CA ILE F 39 30.80 20.00 -3.65
C ILE F 39 31.98 19.90 -4.62
N SER F 40 31.90 20.65 -5.72
CA SER F 40 32.98 20.57 -6.69
C SER F 40 34.22 21.28 -6.17
N MET F 41 35.41 20.72 -6.52
CA MET F 41 36.65 21.39 -6.16
C MET F 41 36.67 22.81 -6.74
N ASP F 42 36.14 22.97 -7.96
CA ASP F 42 36.11 24.27 -8.60
C ASP F 42 35.43 25.29 -7.71
N SER F 43 34.34 24.88 -7.06
CA SER F 43 33.62 25.80 -6.20
C SER F 43 34.40 26.11 -4.93
N ILE F 44 35.08 25.11 -4.37
CA ILE F 44 35.90 25.36 -3.18
C ILE F 44 36.97 26.39 -3.50
N ARG F 45 37.58 26.29 -4.68
CA ARG F 45 38.59 27.27 -5.07
C ARG F 45 37.96 28.64 -5.32
N GLU F 46 36.88 28.67 -6.10
CA GLU F 46 36.30 29.96 -6.51
C GLU F 46 35.82 30.76 -5.31
N LEU F 47 35.25 30.10 -4.30
CA LEU F 47 34.81 30.80 -3.11
C LEU F 47 35.94 31.08 -2.14
N GLY F 48 37.15 30.58 -2.41
CA GLY F 48 38.25 30.85 -1.52
C GLY F 48 38.12 30.20 -0.17
N LEU F 49 37.42 29.08 -0.08
CA LEU F 49 37.23 28.45 1.22
C LEU F 49 38.57 27.98 1.76
N GLN F 50 38.78 28.24 3.05
CA GLN F 50 39.87 27.69 3.82
C GLN F 50 39.37 27.37 5.22
N VAL F 51 40.16 26.57 5.94
CA VAL F 51 39.87 26.31 7.35
C VAL F 51 39.79 27.65 8.06
N GLY F 52 38.76 27.85 8.87
CA GLY F 52 38.57 29.10 9.56
C GLY F 52 37.69 30.10 8.84
N SER F 53 37.39 29.87 7.56
CA SER F 53 36.53 30.76 6.82
C SER F 53 35.10 30.74 7.37
N ASP F 54 34.49 31.91 7.37
CA ASP F 54 33.06 32.04 7.63
C ASP F 54 32.32 31.66 6.36
N ALA F 55 31.27 30.86 6.50
CA ALA F 55 30.53 30.39 5.35
C ALA F 55 29.09 30.05 5.78
N TYR F 56 28.32 29.53 4.82
CA TYR F 56 26.95 29.10 5.05
C TYR F 56 26.76 27.74 4.41
N ALA F 57 26.10 26.84 5.14
CA ALA F 57 25.56 25.62 4.56
C ALA F 57 24.20 25.94 3.97
N VAL F 58 24.00 25.63 2.69
CA VAL F 58 22.75 25.94 1.99
C VAL F 58 22.09 24.64 1.55
N ILE F 59 20.83 24.48 1.94
CA ILE F 59 20.08 23.25 1.73
C ILE F 59 18.65 23.58 1.31
N LYS F 60 18.26 23.01 0.17
CA LYS F 60 16.88 23.08 -0.28
C LYS F 60 16.00 22.26 0.64
N ALA F 61 14.79 22.78 0.90
CA ALA F 61 13.88 22.07 1.79
C ALA F 61 13.59 20.66 1.28
N THR F 62 13.47 20.50 -0.05
CA THR F 62 13.14 19.20 -0.63
C THR F 62 14.29 18.20 -0.52
N SER F 63 15.47 18.64 -0.10
CA SER F 63 16.59 17.73 0.13
C SER F 63 16.65 17.24 1.57
N VAL F 64 15.76 17.73 2.44
CA VAL F 64 15.83 17.43 3.87
C VAL F 64 14.79 16.36 4.23
N MET F 65 15.26 15.27 4.81
CA MET F 65 14.44 14.22 5.39
C MET F 65 14.34 14.42 6.89
N ILE F 66 13.34 13.79 7.50
CA ILE F 66 13.11 13.89 8.93
C ILE F 66 13.28 12.51 9.52
N GLY F 67 13.96 12.44 10.66
CA GLY F 67 14.07 11.18 11.37
C GLY F 67 13.59 11.25 12.81
N ILE F 68 13.31 10.08 13.40
CA ILE F 68 12.94 9.97 14.81
C ILE F 68 13.58 8.73 15.42
N ASP F 69 13.68 8.74 16.74
CA ASP F 69 14.06 7.56 17.49
C ASP F 69 12.91 6.55 17.49
N ASP F 70 13.20 5.30 17.13
CA ASP F 70 12.18 4.23 17.07
C ASP F 70 12.12 3.38 18.33
N MET G 1 -15.02 1.69 17.74
CA MET G 1 -14.06 0.56 17.71
C MET G 1 -13.25 0.56 16.43
N LYS G 2 -11.99 0.14 16.52
CA LYS G 2 -11.14 -0.04 15.36
C LYS G 2 -11.08 -1.53 15.03
N LEU G 3 -11.25 -1.85 13.75
CA LEU G 3 -11.53 -3.21 13.33
C LEU G 3 -10.42 -3.77 12.46
N SER G 4 -10.27 -5.11 12.54
CA SER G 4 -9.29 -5.83 11.76
C SER G 4 -9.70 -5.98 10.30
N ALA G 5 -10.98 -5.78 10.00
CA ALA G 5 -11.43 -5.92 8.62
C ALA G 5 -10.55 -5.10 7.67
N ARG G 6 -9.95 -5.76 6.66
CA ARG G 6 -9.09 -5.06 5.69
C ARG G 6 -9.87 -4.11 4.81
N ASN G 7 -11.19 -4.27 4.70
CA ASN G 7 -11.99 -3.43 3.82
C ASN G 7 -12.94 -2.59 4.65
N GLN G 8 -12.71 -1.27 4.66
CA GLN G 8 -13.56 -0.32 5.37
C GLN G 8 -13.74 0.92 4.47
N LEU G 9 -14.79 0.93 3.67
CA LEU G 9 -14.95 1.87 2.58
C LEU G 9 -16.07 2.87 2.88
N ALA G 10 -15.69 4.13 3.03
CA ALA G 10 -16.64 5.19 3.33
C ALA G 10 -17.52 5.48 2.12
N GLY G 11 -18.77 5.80 2.40
CA GLY G 11 -19.72 6.05 1.34
C GLY G 11 -21.00 6.62 1.92
N LYS G 12 -21.93 6.86 1.02
CA LYS G 12 -23.23 7.42 1.37
C LYS G 12 -24.34 6.47 0.97
N VAL G 13 -25.30 6.28 1.88
CA VAL G 13 -26.40 5.38 1.62
C VAL G 13 -27.28 5.97 0.53
N VAL G 14 -27.54 5.19 -0.53
CA VAL G 14 -28.42 5.62 -1.60
C VAL G 14 -29.78 4.93 -1.57
N SER G 15 -29.87 3.73 -0.99
CA SER G 15 -31.18 3.08 -0.87
C SER G 15 -31.16 2.06 0.25
N ILE G 16 -32.35 1.77 0.77
CA ILE G 16 -32.53 0.76 1.81
C ILE G 16 -33.80 -0.02 1.50
N LYS G 17 -33.67 -1.32 1.28
CA LYS G 17 -34.82 -2.19 1.08
C LYS G 17 -35.02 -3.01 2.35
N GLU G 18 -36.15 -2.78 3.02
CA GLU G 18 -36.48 -3.47 4.26
C GLU G 18 -37.08 -4.84 4.02
N GLY G 19 -36.71 -5.79 4.87
CA GLY G 19 -37.29 -7.13 4.82
C GLY G 19 -38.02 -7.54 6.08
N ALA G 20 -38.07 -8.84 6.36
CA ALA G 20 -38.76 -9.35 7.54
C ALA G 20 -37.83 -9.29 8.76
N VAL G 21 -36.69 -9.97 8.67
CA VAL G 21 -35.63 -9.84 9.67
C VAL G 21 -34.37 -9.16 9.12
N ASN G 22 -34.18 -9.13 7.80
CA ASN G 22 -33.04 -8.48 7.18
C ASN G 22 -33.46 -7.36 6.24
N GLY G 23 -32.48 -6.53 5.90
CA GLY G 23 -32.62 -5.55 4.84
C GLY G 23 -31.35 -5.46 4.04
N ILE G 24 -31.44 -4.75 2.91
CA ILE G 24 -30.32 -4.57 2.00
C ILE G 24 -30.06 -3.09 1.83
N VAL G 25 -28.86 -2.66 2.23
CA VAL G 25 -28.42 -1.27 2.15
C VAL G 25 -27.43 -1.15 1.01
N VAL G 26 -27.64 -0.16 0.14
CA VAL G 26 -26.72 0.13 -0.95
C VAL G 26 -25.96 1.42 -0.65
N LEU G 27 -24.64 1.35 -0.80
CA LEU G 27 -23.76 2.46 -0.48
C LEU G 27 -23.00 2.88 -1.73
N ASP G 28 -23.05 4.17 -2.05
CA ASP G 28 -22.15 4.74 -3.04
C ASP G 28 -20.83 5.05 -2.36
N ILE G 29 -19.77 4.35 -2.77
CA ILE G 29 -18.46 4.54 -2.16
C ILE G 29 -17.51 5.32 -3.06
N GLY G 30 -18.00 5.90 -4.16
CA GLY G 30 -17.14 6.67 -5.03
C GLY G 30 -16.52 5.84 -6.13
N GLY G 31 -15.91 6.53 -7.08
CA GLY G 31 -15.29 5.86 -8.20
C GLY G 31 -16.26 5.09 -9.07
N GLY G 32 -17.54 5.44 -9.04
CA GLY G 32 -18.53 4.72 -9.82
C GLY G 32 -18.92 3.37 -9.24
N ASN G 33 -18.54 3.10 -8.00
CA ASN G 33 -18.75 1.81 -7.36
C ASN G 33 -19.82 1.88 -6.28
N GLN G 34 -20.63 0.84 -6.21
CA GLN G 34 -21.64 0.71 -5.18
C GLN G 34 -21.47 -0.63 -4.48
N ILE G 35 -21.79 -0.66 -3.19
CA ILE G 35 -21.68 -1.85 -2.38
C ILE G 35 -23.03 -2.16 -1.78
N SER G 36 -23.49 -3.40 -1.97
CA SER G 36 -24.72 -3.88 -1.36
C SER G 36 -24.42 -4.73 -0.13
N SER G 37 -25.16 -4.46 0.94
CA SER G 37 -24.94 -5.09 2.23
C SER G 37 -26.27 -5.65 2.70
N THR G 38 -26.30 -6.95 3.02
CA THR G 38 -27.46 -7.60 3.60
C THR G 38 -27.20 -7.78 5.08
N ILE G 39 -27.95 -7.05 5.91
CA ILE G 39 -27.77 -7.03 7.36
C ILE G 39 -29.13 -7.07 8.04
N SER G 40 -29.12 -7.22 9.35
CA SER G 40 -30.37 -7.33 10.08
C SER G 40 -31.09 -6.00 10.08
N MET G 41 -32.42 -6.05 10.03
CA MET G 41 -33.16 -4.81 10.23
C MET G 41 -32.78 -4.18 11.56
N ASP G 42 -32.48 -5.02 12.55
CA ASP G 42 -32.07 -4.48 13.83
C ASP G 42 -30.92 -3.49 13.65
N SER G 43 -29.91 -3.85 12.84
CA SER G 43 -28.75 -2.97 12.68
C SER G 43 -29.08 -1.77 11.80
N ILE G 44 -29.91 -1.96 10.78
CA ILE G 44 -30.30 -0.81 9.99
C ILE G 44 -30.96 0.24 10.89
N ARG G 45 -31.82 -0.21 11.80
CA ARG G 45 -32.52 0.69 12.71
C ARG G 45 -31.54 1.30 13.72
N GLU G 46 -30.70 0.47 14.32
CA GLU G 46 -29.84 0.93 15.41
C GLU G 46 -28.80 1.93 14.92
N LEU G 47 -28.23 1.73 13.74
CA LEU G 47 -27.24 2.68 13.22
C LEU G 47 -27.88 3.96 12.69
N GLY G 48 -29.20 4.08 12.69
CA GLY G 48 -29.85 5.25 12.14
C GLY G 48 -29.68 5.39 10.65
N LEU G 49 -29.48 4.29 9.94
CA LEU G 49 -29.24 4.41 8.51
C LEU G 49 -30.47 4.98 7.84
N GLN G 50 -30.25 5.96 6.95
CA GLN G 50 -31.27 6.45 6.05
C GLN G 50 -30.60 6.86 4.72
N VAL G 51 -31.43 7.06 3.70
CA VAL G 51 -30.90 7.55 2.43
C VAL G 51 -30.12 8.83 2.68
N GLY G 52 -28.88 8.87 2.21
CA GLY G 52 -28.02 10.03 2.37
C GLY G 52 -27.08 10.01 3.57
N SER G 53 -27.27 9.10 4.52
CA SER G 53 -26.37 9.03 5.66
C SER G 53 -24.99 8.58 5.24
N ASP G 54 -23.98 9.10 5.93
CA ASP G 54 -22.61 8.64 5.76
C ASP G 54 -22.38 7.35 6.53
N ALA G 55 -21.71 6.39 5.89
CA ALA G 55 -21.44 5.11 6.54
C ALA G 55 -20.21 4.47 5.90
N TYR G 56 -19.93 3.23 6.30
CA TYR G 56 -18.82 2.44 5.78
C TYR G 56 -19.32 1.05 5.41
N ALA G 57 -18.92 0.58 4.22
CA ALA G 57 -19.02 -0.83 3.88
C ALA G 57 -17.82 -1.56 4.47
N VAL G 58 -18.08 -2.53 5.35
CA VAL G 58 -17.02 -3.24 6.09
C VAL G 58 -17.03 -4.70 5.69
N ILE G 59 -15.89 -5.18 5.20
CA ILE G 59 -15.77 -6.52 4.64
C ILE G 59 -14.43 -7.11 5.08
N LYS G 60 -14.51 -8.28 5.73
CA LYS G 60 -13.33 -9.05 6.09
C LYS G 60 -12.67 -9.63 4.83
N ALA G 61 -11.34 -9.63 4.82
CA ALA G 61 -10.63 -10.02 3.61
C ALA G 61 -11.01 -11.41 3.15
N THR G 62 -11.26 -12.31 4.11
CA THR G 62 -11.55 -13.72 3.82
C THR G 62 -12.90 -13.91 3.15
N SER G 63 -13.72 -12.86 3.08
CA SER G 63 -15.00 -12.89 2.39
C SER G 63 -14.91 -12.42 0.96
N VAL G 64 -13.75 -11.94 0.52
CA VAL G 64 -13.62 -11.35 -0.80
C VAL G 64 -12.97 -12.36 -1.73
N MET G 65 -13.64 -12.67 -2.83
CA MET G 65 -13.09 -13.49 -3.89
C MET G 65 -12.60 -12.61 -5.04
N ILE G 66 -11.80 -13.22 -5.92
CA ILE G 66 -11.23 -12.54 -7.07
C ILE G 66 -11.77 -13.17 -8.34
N GLY G 67 -12.17 -12.33 -9.28
CA GLY G 67 -12.60 -12.82 -10.57
C GLY G 67 -11.84 -12.20 -11.72
N ILE G 68 -11.89 -12.83 -12.89
CA ILE G 68 -11.27 -12.29 -14.09
C ILE G 68 -12.24 -12.51 -15.24
N ASP G 69 -12.06 -11.74 -16.30
CA ASP G 69 -12.92 -11.93 -17.46
C ASP G 69 -12.65 -13.28 -18.12
N ASP G 70 -13.72 -13.83 -18.72
CA ASP G 70 -13.69 -15.19 -19.26
C ASP G 70 -12.57 -15.36 -20.30
N TRP G 71 -12.35 -14.36 -21.16
CA TRP G 71 -11.39 -14.47 -22.25
C TRP G 71 -9.94 -14.29 -21.80
N SER G 72 -9.69 -14.10 -20.50
CA SER G 72 -8.34 -14.20 -19.98
C SER G 72 -7.96 -15.68 -19.85
N HIS G 73 -6.83 -16.05 -20.47
CA HIS G 73 -6.41 -17.45 -20.50
C HIS G 73 -5.14 -17.64 -19.67
N PRO G 74 -5.26 -17.69 -18.34
CA PRO G 74 -4.10 -17.91 -17.45
C PRO G 74 -3.57 -19.35 -17.49
N MET H 1 -18.77 -17.44 -15.91
CA MET H 1 -20.17 -17.37 -15.37
C MET H 1 -20.60 -16.01 -14.77
N LYS H 2 -21.92 -15.75 -14.79
CA LYS H 2 -22.54 -14.60 -14.12
C LYS H 2 -23.01 -15.11 -12.77
N LEU H 3 -22.65 -14.39 -11.71
CA LEU H 3 -22.76 -14.85 -10.34
C LEU H 3 -23.79 -14.03 -9.59
N SER H 4 -24.43 -14.64 -8.58
CA SER H 4 -25.44 -13.92 -7.82
C SER H 4 -24.84 -12.86 -6.89
N ALA H 5 -23.53 -12.92 -6.62
CA ALA H 5 -22.89 -11.98 -5.71
C ALA H 5 -23.22 -10.55 -6.10
N ARG H 6 -23.82 -9.80 -5.17
CA ARG H 6 -24.25 -8.45 -5.50
C ARG H 6 -23.08 -7.50 -5.75
N ASN H 7 -21.88 -7.82 -5.29
CA ASN H 7 -20.76 -6.90 -5.43
C ASN H 7 -19.72 -7.52 -6.35
N GLN H 8 -19.50 -6.88 -7.50
CA GLN H 8 -18.55 -7.34 -8.53
C GLN H 8 -17.83 -6.09 -9.04
N LEU H 9 -16.68 -5.79 -8.44
CA LEU H 9 -16.05 -4.48 -8.58
C LEU H 9 -14.75 -4.60 -9.36
N ALA H 10 -14.73 -4.00 -10.55
CA ALA H 10 -13.55 -4.07 -11.40
C ALA H 10 -12.41 -3.28 -10.78
N GLY H 11 -11.19 -3.79 -11.00
CA GLY H 11 -10.01 -3.15 -10.47
C GLY H 11 -8.77 -3.82 -11.02
N LYS H 12 -7.63 -3.27 -10.62
CA LYS H 12 -6.36 -3.76 -11.09
C LYS H 12 -5.56 -4.27 -9.90
N VAL H 13 -4.90 -5.42 -10.08
CA VAL H 13 -4.11 -5.97 -8.98
C VAL H 13 -2.92 -5.03 -8.74
N VAL H 14 -2.81 -4.56 -7.50
CA VAL H 14 -1.69 -3.69 -7.10
C VAL H 14 -0.72 -4.41 -6.19
N SER H 15 -1.09 -5.54 -5.61
CA SER H 15 -0.14 -6.31 -4.83
C SER H 15 -0.63 -7.74 -4.72
N ILE H 16 0.33 -8.65 -4.54
CA ILE H 16 0.06 -10.04 -4.24
C ILE H 16 1.07 -10.46 -3.19
N LYS H 17 0.63 -10.74 -1.99
CA LYS H 17 1.48 -11.25 -0.92
C LYS H 17 1.21 -12.75 -0.81
N GLU H 18 2.20 -13.57 -1.16
CA GLU H 18 2.01 -15.01 -1.17
C GLU H 18 2.22 -15.62 0.22
N GLY H 19 1.34 -16.55 0.57
CA GLY H 19 1.46 -17.26 1.83
C GLY H 19 1.63 -18.76 1.67
N ALA H 20 1.19 -19.53 2.67
CA ALA H 20 1.40 -20.97 2.63
C ALA H 20 0.30 -21.67 1.84
N VAL H 21 -0.95 -21.58 2.30
CA VAL H 21 -2.09 -22.06 1.53
C VAL H 21 -2.97 -20.92 1.04
N ASN H 22 -2.84 -19.73 1.63
CA ASN H 22 -3.56 -18.55 1.17
C ASN H 22 -2.59 -17.44 0.77
N GLY H 23 -3.12 -16.47 0.03
CA GLY H 23 -2.46 -15.22 -0.24
C GLY H 23 -3.44 -14.09 -0.20
N ILE H 24 -2.91 -12.87 -0.25
CA ILE H 24 -3.71 -11.66 -0.14
C ILE H 24 -3.50 -10.83 -1.41
N VAL H 25 -4.58 -10.60 -2.14
CA VAL H 25 -4.61 -9.84 -3.38
C VAL H 25 -5.25 -8.50 -3.07
N VAL H 26 -4.60 -7.42 -3.49
CA VAL H 26 -5.16 -6.08 -3.35
C VAL H 26 -5.55 -5.56 -4.73
N LEU H 27 -6.78 -5.04 -4.84
CA LEU H 27 -7.27 -4.50 -6.09
C LEU H 27 -7.56 -3.01 -5.93
N ASP H 28 -6.98 -2.19 -6.81
CA ASP H 28 -7.34 -0.79 -6.91
C ASP H 28 -8.63 -0.69 -7.72
N ILE H 29 -9.70 -0.21 -7.11
CA ILE H 29 -10.98 -0.12 -7.79
C ILE H 29 -11.37 1.31 -8.11
N GLY H 30 -10.46 2.27 -7.96
CA GLY H 30 -10.76 3.65 -8.27
C GLY H 30 -11.32 4.42 -7.09
N GLY H 31 -11.37 5.74 -7.27
CA GLY H 31 -11.89 6.61 -6.23
C GLY H 31 -11.10 6.60 -4.94
N GLY H 32 -9.84 6.21 -4.99
CA GLY H 32 -9.02 6.14 -3.79
C GLY H 32 -9.27 4.94 -2.92
N ASN H 33 -10.02 3.96 -3.40
CA ASN H 33 -10.37 2.79 -2.62
C ASN H 33 -9.57 1.56 -3.07
N GLN H 34 -9.23 0.72 -2.11
CA GLN H 34 -8.62 -0.57 -2.38
C GLN H 34 -9.43 -1.66 -1.68
N ILE H 35 -9.46 -2.84 -2.28
CA ILE H 35 -10.11 -4.00 -1.69
C ILE H 35 -9.07 -5.10 -1.54
N SER H 36 -8.94 -5.62 -0.31
CA SER H 36 -8.06 -6.73 0.01
C SER H 36 -8.87 -8.01 0.07
N SER H 37 -8.33 -9.07 -0.53
CA SER H 37 -8.97 -10.37 -0.67
C SER H 37 -8.02 -11.46 -0.21
N THR H 38 -8.47 -12.30 0.72
CA THR H 38 -7.66 -13.44 1.18
C THR H 38 -8.20 -14.71 0.53
N ILE H 39 -7.43 -15.30 -0.38
CA ILE H 39 -7.89 -16.44 -1.17
C ILE H 39 -6.78 -17.48 -1.24
N SER H 40 -7.12 -18.63 -1.82
CA SER H 40 -6.15 -19.71 -1.89
C SER H 40 -5.05 -19.41 -2.89
N MET H 41 -3.84 -19.89 -2.57
CA MET H 41 -2.71 -19.78 -3.49
C MET H 41 -3.04 -20.46 -4.82
N ASP H 42 -3.75 -21.59 -4.76
CA ASP H 42 -4.14 -22.31 -5.98
C ASP H 42 -4.96 -21.44 -6.91
N SER H 43 -5.91 -20.66 -6.37
CA SER H 43 -6.70 -19.82 -7.25
C SER H 43 -5.87 -18.66 -7.80
N ILE H 44 -4.97 -18.11 -6.99
CA ILE H 44 -4.09 -17.05 -7.46
C ILE H 44 -3.29 -17.55 -8.67
N ARG H 45 -2.80 -18.78 -8.59
CA ARG H 45 -2.05 -19.34 -9.72
C ARG H 45 -2.97 -19.62 -10.92
N GLU H 46 -4.08 -20.35 -10.69
CA GLU H 46 -4.94 -20.78 -11.81
C GLU H 46 -5.59 -19.61 -12.53
N LEU H 47 -5.91 -18.54 -11.81
CA LEU H 47 -6.43 -17.34 -12.47
C LEU H 47 -5.31 -16.55 -13.15
N GLY H 48 -4.05 -16.95 -13.01
CA GLY H 48 -2.96 -16.20 -13.60
C GLY H 48 -2.78 -14.81 -13.04
N LEU H 49 -3.17 -14.59 -11.79
CA LEU H 49 -3.08 -13.25 -11.26
C LEU H 49 -1.63 -12.80 -11.18
N GLN H 50 -1.41 -11.54 -11.61
CA GLN H 50 -0.13 -10.86 -11.45
C GLN H 50 -0.41 -9.39 -11.18
N VAL H 51 0.58 -8.67 -10.67
CA VAL H 51 0.46 -7.21 -10.57
C VAL H 51 0.12 -6.67 -11.96
N GLY H 52 -0.91 -5.83 -12.03
CA GLY H 52 -1.35 -5.26 -13.29
C GLY H 52 -2.50 -5.99 -13.97
N SER H 53 -2.89 -7.17 -13.50
CA SER H 53 -4.02 -7.87 -14.11
C SER H 53 -5.32 -7.12 -13.89
N ASP H 54 -6.20 -7.15 -14.89
CA ASP H 54 -7.57 -6.70 -14.70
C ASP H 54 -8.35 -7.79 -13.97
N ALA H 55 -9.09 -7.43 -12.92
CA ALA H 55 -9.82 -8.45 -12.17
C ALA H 55 -11.04 -7.82 -11.51
N TYR H 56 -11.74 -8.63 -10.71
CA TYR H 56 -12.91 -8.17 -9.98
C TYR H 56 -12.83 -8.63 -8.52
N ALA H 57 -13.12 -7.71 -7.60
CA ALA H 57 -13.40 -8.07 -6.21
C ALA H 57 -14.87 -8.48 -6.14
N VAL H 58 -15.13 -9.72 -5.75
CA VAL H 58 -16.46 -10.30 -5.79
C VAL H 58 -16.85 -10.59 -4.36
N ILE H 59 -17.97 -10.03 -3.92
CA ILE H 59 -18.36 -10.12 -2.51
C ILE H 59 -19.87 -10.32 -2.42
N LYS H 60 -20.25 -11.37 -1.70
CA LYS H 60 -21.65 -11.65 -1.41
C LYS H 60 -22.21 -10.57 -0.50
N ALA H 61 -23.46 -10.18 -0.77
CA ALA H 61 -24.08 -9.13 0.01
C ALA H 61 -24.13 -9.51 1.47
N THR H 62 -24.37 -10.79 1.76
CA THR H 62 -24.49 -11.22 3.15
C THR H 62 -23.16 -11.20 3.88
N SER H 63 -22.04 -10.97 3.17
CA SER H 63 -20.73 -10.82 3.80
C SER H 63 -20.38 -9.37 4.12
N VAL H 64 -21.23 -8.40 3.74
CA VAL H 64 -20.92 -6.99 3.92
C VAL H 64 -21.70 -6.42 5.10
N MET H 65 -20.97 -5.84 6.05
CA MET H 65 -21.53 -5.09 7.18
C MET H 65 -21.47 -3.59 6.92
N ILE H 66 -22.24 -2.85 7.69
CA ILE H 66 -22.34 -1.40 7.58
C ILE H 66 -21.79 -0.81 8.86
N GLY H 67 -20.96 0.22 8.72
CA GLY H 67 -20.42 0.91 9.85
C GLY H 67 -20.68 2.40 9.74
N ILE H 68 -20.59 3.07 10.89
CA ILE H 68 -20.73 4.52 10.94
C ILE H 68 -19.76 5.10 11.96
N ASP H 69 -19.53 6.41 11.85
CA ASP H 69 -18.77 7.17 12.84
C ASP H 69 -19.56 7.31 14.16
N MET I 1 -17.58 -14.38 -16.12
CA MET I 1 -16.43 -14.23 -15.20
C MET I 1 -15.97 -15.61 -14.74
N LYS I 2 -14.66 -15.80 -14.56
CA LYS I 2 -14.08 -16.96 -13.92
C LYS I 2 -13.66 -16.56 -12.52
N LEU I 3 -14.08 -17.33 -11.52
CA LEU I 3 -14.00 -16.89 -10.14
C LEU I 3 -13.01 -17.74 -9.36
N SER I 4 -12.45 -17.15 -8.30
CA SER I 4 -11.51 -17.85 -7.42
C SER I 4 -12.19 -18.88 -6.51
N ALA I 5 -13.52 -18.82 -6.37
CA ALA I 5 -14.22 -19.77 -5.51
C ALA I 5 -13.78 -21.18 -5.86
N ARG I 6 -13.25 -21.91 -4.87
CA ARG I 6 -12.76 -23.24 -5.20
C ARG I 6 -13.90 -24.20 -5.52
N ASN I 7 -15.13 -23.89 -5.07
CA ASN I 7 -16.25 -24.81 -5.26
C ASN I 7 -17.26 -24.18 -6.20
N GLN I 8 -17.41 -24.78 -7.39
CA GLN I 8 -18.30 -24.30 -8.44
C GLN I 8 -18.96 -25.56 -9.00
N LEU I 9 -20.13 -25.89 -8.47
CA LEU I 9 -20.73 -27.21 -8.61
C LEU I 9 -21.99 -27.17 -9.46
N ALA I 10 -21.92 -27.76 -10.65
CA ALA I 10 -23.02 -27.71 -11.60
C ALA I 10 -24.23 -28.45 -11.07
N GLY I 11 -25.40 -27.93 -11.38
CA GLY I 11 -26.64 -28.56 -10.93
C GLY I 11 -27.87 -27.91 -11.50
N LYS I 12 -29.02 -28.46 -11.15
CA LYS I 12 -30.30 -27.98 -11.63
C LYS I 12 -31.19 -27.55 -10.46
N VAL I 13 -31.84 -26.41 -10.64
CA VAL I 13 -32.70 -25.87 -9.59
C VAL I 13 -33.91 -26.77 -9.43
N VAL I 14 -34.18 -27.17 -8.18
CA VAL I 14 -35.36 -27.96 -7.88
C VAL I 14 -36.42 -27.15 -7.15
N SER I 15 -36.04 -26.07 -6.47
CA SER I 15 -37.02 -25.26 -5.77
C SER I 15 -36.49 -23.86 -5.51
N ILE I 16 -37.43 -22.93 -5.38
CA ILE I 16 -37.12 -21.56 -4.98
C ILE I 16 -38.17 -21.15 -3.95
N LYS I 17 -37.72 -20.87 -2.73
CA LYS I 17 -38.58 -20.34 -1.67
C LYS I 17 -38.35 -18.82 -1.60
N GLU I 18 -39.36 -18.05 -1.97
CA GLU I 18 -39.20 -16.61 -1.99
C GLU I 18 -39.40 -16.03 -0.61
N GLY I 19 -38.59 -15.01 -0.30
CA GLY I 19 -38.71 -14.25 0.93
C GLY I 19 -38.94 -12.78 0.63
N ALA I 20 -38.54 -11.90 1.56
CA ALA I 20 -38.74 -10.46 1.42
C ALA I 20 -37.60 -9.81 0.64
N VAL I 21 -36.38 -9.89 1.16
CA VAL I 21 -35.21 -9.47 0.40
C VAL I 21 -34.35 -10.66 0.00
N ASN I 22 -34.48 -11.80 0.66
CA ASN I 22 -33.74 -13.00 0.35
C ASN I 22 -34.71 -14.12 -0.02
N GLY I 23 -34.15 -15.12 -0.72
CA GLY I 23 -34.81 -16.38 -0.99
C GLY I 23 -33.83 -17.52 -0.88
N ILE I 24 -34.36 -18.75 -0.94
CA ILE I 24 -33.56 -19.97 -0.81
C ILE I 24 -33.74 -20.80 -2.07
N VAL I 25 -32.63 -21.04 -2.78
CA VAL I 25 -32.55 -21.83 -4.00
C VAL I 25 -31.90 -23.17 -3.65
N VAL I 26 -32.54 -24.27 -4.04
CA VAL I 26 -32.01 -25.61 -3.84
C VAL I 26 -31.60 -26.16 -5.19
N LEU I 27 -30.38 -26.68 -5.27
CA LEU I 27 -29.84 -27.23 -6.50
C LEU I 27 -29.56 -28.71 -6.29
N ASP I 28 -30.03 -29.53 -7.22
CA ASP I 28 -29.62 -30.92 -7.32
C ASP I 28 -28.27 -30.95 -8.03
N ILE I 29 -27.22 -31.40 -7.36
CA ILE I 29 -25.88 -31.43 -7.93
C ILE I 29 -25.45 -32.84 -8.33
N GLY I 30 -26.35 -33.81 -8.24
CA GLY I 30 -26.03 -35.17 -8.62
C GLY I 30 -25.52 -36.00 -7.47
N GLY I 31 -25.43 -37.29 -7.73
CA GLY I 31 -24.99 -38.23 -6.72
C GLY I 31 -25.88 -38.28 -5.50
N GLY I 32 -27.14 -37.86 -5.62
CA GLY I 32 -28.01 -37.81 -4.47
C GLY I 32 -27.79 -36.62 -3.56
N ASN I 33 -27.04 -35.60 -4.00
CA ASN I 33 -26.75 -34.43 -3.18
C ASN I 33 -27.48 -33.18 -3.63
N GLN I 34 -27.90 -32.40 -2.64
CA GLN I 34 -28.50 -31.10 -2.86
C GLN I 34 -27.80 -30.04 -2.03
N ILE I 35 -27.80 -28.82 -2.58
CA ILE I 35 -27.21 -27.65 -1.94
C ILE I 35 -28.28 -26.58 -1.80
N SER I 36 -28.41 -26.03 -0.60
CA SER I 36 -29.29 -24.91 -0.32
C SER I 36 -28.48 -23.62 -0.30
N SER I 37 -29.00 -22.60 -0.96
CA SER I 37 -28.33 -21.32 -1.12
C SER I 37 -29.29 -20.23 -0.71
N THR I 38 -28.90 -19.40 0.23
CA THR I 38 -29.68 -18.24 0.64
C THR I 38 -29.05 -17.02 -0.02
N ILE I 39 -29.79 -16.42 -0.97
CA ILE I 39 -29.27 -15.30 -1.75
C ILE I 39 -30.37 -14.24 -1.87
N SER I 40 -30.01 -13.09 -2.41
CA SER I 40 -30.98 -12.01 -2.50
C SER I 40 -32.03 -12.28 -3.59
N MET I 41 -33.27 -11.85 -3.33
CA MET I 41 -34.33 -11.95 -4.35
C MET I 41 -33.91 -11.21 -5.62
N ASP I 42 -33.20 -10.07 -5.47
CA ASP I 42 -32.71 -9.32 -6.62
C ASP I 42 -31.91 -10.23 -7.54
N SER I 43 -31.00 -11.02 -6.97
CA SER I 43 -30.17 -11.87 -7.81
C SER I 43 -30.97 -13.04 -8.37
N ILE I 44 -31.89 -13.60 -7.58
CA ILE I 44 -32.71 -14.69 -8.10
C ILE I 44 -33.44 -14.24 -9.35
N ARG I 45 -34.01 -13.03 -9.34
CA ARG I 45 -34.65 -12.56 -10.56
C ARG I 45 -33.62 -12.29 -11.63
N GLU I 46 -32.55 -11.59 -11.29
CA GLU I 46 -31.61 -11.16 -12.33
C GLU I 46 -30.98 -12.35 -13.08
N LEU I 47 -30.74 -13.46 -12.38
CA LEU I 47 -30.20 -14.68 -12.97
C LEU I 47 -31.24 -15.47 -13.74
N GLY I 48 -32.50 -15.06 -13.71
CA GLY I 48 -33.55 -15.76 -14.45
C GLY I 48 -33.80 -17.17 -13.97
N LEU I 49 -33.50 -17.44 -12.70
CA LEU I 49 -33.61 -18.80 -12.18
C LEU I 49 -35.06 -19.26 -12.13
N GLN I 50 -35.28 -20.51 -12.53
CA GLN I 50 -36.56 -21.15 -12.29
C GLN I 50 -36.31 -22.63 -12.01
N VAL I 51 -37.35 -23.31 -11.54
CA VAL I 51 -37.25 -24.76 -11.43
C VAL I 51 -36.78 -25.31 -12.76
N GLY I 52 -35.69 -26.08 -12.73
CA GLY I 52 -35.12 -26.67 -13.92
C GLY I 52 -33.99 -25.92 -14.55
N SER I 53 -33.76 -24.66 -14.17
CA SER I 53 -32.65 -23.90 -14.74
C SER I 53 -31.32 -24.50 -14.28
N ASP I 54 -30.36 -24.52 -15.19
CA ASP I 54 -29.02 -24.96 -14.86
C ASP I 54 -28.25 -23.84 -14.19
N ALA I 55 -27.55 -24.17 -13.12
CA ALA I 55 -26.81 -23.18 -12.38
C ALA I 55 -25.67 -23.89 -11.70
N TYR I 56 -24.95 -23.15 -10.88
CA TYR I 56 -23.84 -23.71 -10.11
C TYR I 56 -23.96 -23.23 -8.66
N ALA I 57 -23.70 -24.14 -7.73
CA ALA I 57 -23.49 -23.71 -6.35
C ALA I 57 -22.05 -23.25 -6.21
N VAL I 58 -21.85 -21.99 -5.79
CA VAL I 58 -20.52 -21.38 -5.73
C VAL I 58 -20.19 -21.04 -4.28
N ILE I 59 -19.08 -21.60 -3.80
CA ILE I 59 -18.71 -21.52 -2.40
C ILE I 59 -17.20 -21.33 -2.33
N LYS I 60 -16.79 -20.28 -1.62
CA LYS I 60 -15.39 -20.03 -1.31
C LYS I 60 -14.90 -21.10 -0.35
N ALA I 61 -13.64 -21.51 -0.51
CA ALA I 61 -13.11 -22.57 0.32
C ALA I 61 -13.15 -22.20 1.81
N THR I 62 -12.91 -20.92 2.14
CA THR I 62 -12.86 -20.47 3.53
C THR I 62 -14.25 -20.48 4.19
N SER I 63 -15.30 -20.74 3.42
CA SER I 63 -16.64 -20.86 3.98
C SER I 63 -16.99 -22.29 4.33
N VAL I 64 -16.10 -23.24 4.03
CA VAL I 64 -16.39 -24.66 4.17
C VAL I 64 -15.71 -25.21 5.41
N MET I 65 -16.51 -25.78 6.29
CA MET I 65 -16.05 -26.50 7.47
C MET I 65 -16.08 -28.00 7.22
N ILE I 66 -15.36 -28.72 8.06
CA ILE I 66 -15.30 -30.16 7.96
C ILE I 66 -15.91 -30.72 9.24
N GLY I 67 -16.78 -31.71 9.09
CA GLY I 67 -17.32 -32.38 10.24
C GLY I 67 -17.03 -33.87 10.16
N ILE I 68 -17.17 -34.56 11.30
CA ILE I 68 -17.04 -36.01 11.34
C ILE I 68 -18.08 -36.54 12.33
N ASP I 69 -18.36 -37.84 12.23
CA ASP I 69 -19.24 -38.56 13.13
C ASP I 69 -18.67 -38.64 14.55
N MET J 1 -15.31 3.23 15.14
CA MET J 1 -16.48 3.01 14.24
C MET J 1 -17.55 2.14 14.93
N LYS J 2 -18.82 2.37 14.62
CA LYS J 2 -19.90 1.55 15.16
C LYS J 2 -20.36 0.60 14.06
N LEU J 3 -20.48 -0.68 14.37
CA LEU J 3 -20.64 -1.71 13.34
C LEU J 3 -21.99 -2.37 13.45
N SER J 4 -22.47 -2.84 12.29
CA SER J 4 -23.74 -3.55 12.25
C SER J 4 -23.62 -4.96 12.81
N ALA J 5 -22.42 -5.53 12.86
CA ALA J 5 -22.27 -6.90 13.36
C ALA J 5 -22.98 -7.01 14.69
N ARG J 6 -23.92 -7.96 14.79
CA ARG J 6 -24.67 -8.05 16.04
C ARG J 6 -23.81 -8.57 17.19
N ASN J 7 -22.68 -9.20 16.90
CA ASN J 7 -21.91 -9.83 17.96
C ASN J 7 -20.57 -9.14 18.17
N GLN J 8 -20.42 -8.56 19.35
CA GLN J 8 -19.19 -7.84 19.73
C GLN J 8 -18.88 -8.20 21.17
N LEU J 9 -18.00 -9.19 21.37
CA LEU J 9 -17.78 -9.78 22.68
C LEU J 9 -16.39 -9.45 23.22
N ALA J 10 -16.35 -8.78 24.36
CA ALA J 10 -15.10 -8.36 24.96
C ALA J 10 -14.27 -9.54 25.47
N GLY J 11 -12.96 -9.39 25.37
CA GLY J 11 -12.08 -10.44 25.84
C GLY J 11 -10.63 -10.01 25.84
N LYS J 12 -9.78 -10.90 26.36
CA LYS J 12 -8.35 -10.63 26.47
C LYS J 12 -7.59 -11.70 25.70
N VAL J 13 -6.56 -11.30 24.96
CA VAL J 13 -5.81 -12.26 24.15
C VAL J 13 -5.00 -13.22 25.01
N VAL J 14 -5.18 -14.51 24.75
CA VAL J 14 -4.41 -15.53 25.46
C VAL J 14 -3.32 -16.12 24.57
N SER J 15 -3.47 -16.09 23.25
CA SER J 15 -2.43 -16.58 22.36
C SER J 15 -2.60 -15.93 21.01
N ILE J 16 -1.50 -15.88 20.27
CA ILE J 16 -1.50 -15.38 18.89
C ILE J 16 -0.59 -16.29 18.08
N LYS J 17 -1.16 -17.00 17.10
CA LYS J 17 -0.35 -17.84 16.23
C LYS J 17 -0.13 -17.13 14.92
N GLU J 18 1.12 -16.72 14.67
CA GLU J 18 1.49 -16.01 13.46
C GLU J 18 1.71 -17.03 12.36
N GLY J 19 1.18 -16.75 11.17
CA GLY J 19 1.34 -17.61 10.02
C GLY J 19 2.03 -16.88 8.88
N ALA J 20 1.70 -17.27 7.64
CA ALA J 20 2.32 -16.65 6.47
C ALA J 20 1.61 -15.35 6.09
N VAL J 21 0.32 -15.45 5.76
CA VAL J 21 -0.48 -14.25 5.52
C VAL J 21 -1.56 -14.06 6.57
N ASN J 22 -1.93 -15.11 7.31
CA ASN J 22 -2.90 -14.99 8.39
C ASN J 22 -2.31 -15.44 9.73
N GLY J 23 -3.00 -15.06 10.80
CA GLY J 23 -2.72 -15.57 12.12
C GLY J 23 -4.02 -15.90 12.81
N ILE J 24 -3.91 -16.55 13.97
CA ILE J 24 -5.06 -16.95 14.77
C ILE J 24 -4.91 -16.35 16.17
N VAL J 25 -5.89 -15.52 16.55
CA VAL J 25 -5.93 -14.89 17.86
C VAL J 25 -6.96 -15.62 18.72
N VAL J 26 -6.57 -16.03 19.91
CA VAL J 26 -7.47 -16.68 20.84
C VAL J 26 -7.79 -15.66 21.91
N LEU J 27 -9.07 -15.46 22.18
CA LEU J 27 -9.54 -14.47 23.14
C LEU J 27 -10.31 -15.19 24.24
N ASP J 28 -9.92 -14.94 25.48
CA ASP J 28 -10.73 -15.37 26.63
C ASP J 28 -11.82 -14.34 26.83
N ILE J 29 -13.09 -14.76 26.71
CA ILE J 29 -14.20 -13.83 26.89
C ILE J 29 -14.91 -14.06 28.22
N GLY J 30 -14.32 -14.89 29.09
CA GLY J 30 -14.88 -15.19 30.38
C GLY J 30 -15.77 -16.42 30.36
N GLY J 31 -16.08 -16.89 31.56
CA GLY J 31 -16.94 -18.05 31.69
C GLY J 31 -16.38 -19.32 31.11
N GLY J 32 -15.06 -19.41 30.97
CA GLY J 32 -14.47 -20.60 30.42
C GLY J 32 -14.62 -20.72 28.93
N ASN J 33 -15.06 -19.66 28.26
CA ASN J 33 -15.24 -19.65 26.81
C ASN J 33 -14.13 -18.85 26.17
N GLN J 34 -13.65 -19.35 25.05
CA GLN J 34 -12.67 -18.67 24.23
C GLN J 34 -13.19 -18.60 22.81
N ILE J 35 -12.76 -17.57 22.08
CA ILE J 35 -13.10 -17.42 20.68
C ILE J 35 -11.80 -17.34 19.87
N SER J 36 -11.71 -18.15 18.82
CA SER J 36 -10.59 -18.13 17.90
C SER J 36 -10.97 -17.31 16.68
N SER J 37 -10.06 -16.44 16.25
CA SER J 37 -10.29 -15.53 15.15
C SER J 37 -9.11 -15.72 14.20
N THR J 38 -9.41 -16.07 12.93
CA THR J 38 -8.39 -16.18 11.88
C THR J 38 -8.47 -14.91 11.03
N ILE J 39 -7.41 -14.11 11.08
CA ILE J 39 -7.38 -12.78 10.44
C ILE J 39 -6.01 -12.61 9.77
N SER J 40 -5.85 -11.52 9.01
CA SER J 40 -4.58 -11.26 8.33
C SER J 40 -3.51 -10.82 9.31
N MET J 41 -2.28 -11.21 9.02
CA MET J 41 -1.17 -10.74 9.85
C MET J 41 -1.07 -9.23 9.84
N ASP J 42 -1.32 -8.60 8.68
CA ASP J 42 -1.28 -7.14 8.63
C ASP J 42 -2.20 -6.55 9.68
N SER J 43 -3.38 -7.11 9.83
CA SER J 43 -4.33 -6.56 10.78
C SER J 43 -3.88 -6.81 12.22
N ILE J 44 -3.26 -7.96 12.47
CA ILE J 44 -2.73 -8.23 13.80
C ILE J 44 -1.68 -7.18 14.18
N ARG J 45 -0.87 -6.76 13.21
CA ARG J 45 0.13 -5.73 13.46
C ARG J 45 -0.49 -4.35 13.62
N GLU J 46 -1.37 -3.95 12.70
CA GLU J 46 -1.93 -2.60 12.75
C GLU J 46 -2.78 -2.39 13.99
N LEU J 47 -3.44 -3.43 14.46
CA LEU J 47 -4.19 -3.31 15.70
C LEU J 47 -3.29 -3.43 16.93
N GLY J 48 -2.01 -3.75 16.75
CA GLY J 48 -1.10 -3.86 17.88
C GLY J 48 -1.44 -4.97 18.86
N LEU J 49 -2.07 -6.02 18.39
CA LEU J 49 -2.45 -7.10 19.29
C LEU J 49 -1.21 -7.73 19.91
N GLN J 50 -1.30 -8.03 21.21
CA GLN J 50 -0.28 -8.82 21.87
C GLN J 50 -0.97 -9.74 22.87
N VAL J 51 -0.27 -10.78 23.32
CA VAL J 51 -0.79 -11.59 24.41
C VAL J 51 -1.07 -10.67 25.58
N GLY J 52 -2.27 -10.74 26.13
CA GLY J 52 -2.67 -9.86 27.21
C GLY J 52 -3.45 -8.64 26.80
N SER J 53 -3.53 -8.34 25.50
CA SER J 53 -4.30 -7.20 25.02
C SER J 53 -5.80 -7.37 25.22
N ASP J 54 -6.47 -6.26 25.55
CA ASP J 54 -7.92 -6.19 25.51
C ASP J 54 -8.41 -5.94 24.08
N ALA J 55 -9.40 -6.73 23.65
CA ALA J 55 -9.94 -6.62 22.31
C ALA J 55 -11.37 -7.13 22.32
N TYR J 56 -11.97 -7.22 21.13
CA TYR J 56 -13.31 -7.74 20.96
C TYR J 56 -13.34 -8.75 19.81
N ALA J 57 -14.08 -9.84 19.99
CA ALA J 57 -14.46 -10.71 18.89
C ALA J 57 -15.71 -10.14 18.22
N VAL J 58 -15.63 -9.87 16.94
CA VAL J 58 -16.72 -9.24 16.19
C VAL J 58 -17.20 -10.20 15.11
N ILE J 59 -18.49 -10.50 15.14
CA ILE J 59 -19.08 -11.53 14.28
C ILE J 59 -20.45 -11.09 13.76
N LYS J 60 -20.60 -11.13 12.44
CA LYS J 60 -21.87 -10.87 11.80
C LYS J 60 -22.85 -11.99 12.12
N ALA J 61 -24.11 -11.60 12.30
CA ALA J 61 -25.15 -12.55 12.66
C ALA J 61 -25.29 -13.63 11.60
N THR J 62 -25.14 -13.27 10.32
CA THR J 62 -25.35 -14.24 9.27
C THR J 62 -24.25 -15.30 9.22
N SER J 63 -23.16 -15.10 9.98
CA SER J 63 -22.04 -16.02 10.11
C SER J 63 -22.19 -16.97 11.30
N VAL J 64 -23.23 -16.81 12.09
CA VAL J 64 -23.41 -17.61 13.30
C VAL J 64 -24.47 -18.66 13.01
N MET J 65 -24.11 -19.93 13.19
CA MET J 65 -25.03 -21.05 13.11
C MET J 65 -25.50 -21.46 14.50
N ILE J 66 -26.56 -22.25 14.54
CA ILE J 66 -27.07 -22.74 15.82
C ILE J 66 -26.97 -24.26 15.85
N GLY J 67 -26.48 -24.79 16.98
CA GLY J 67 -26.40 -26.25 17.16
C GLY J 67 -27.11 -26.74 18.40
N ILE J 68 -27.41 -28.05 18.45
CA ILE J 68 -28.01 -28.66 19.64
C ILE J 68 -27.39 -30.04 19.82
N ASP J 69 -27.51 -30.56 21.03
CA ASP J 69 -27.00 -31.87 21.33
C ASP J 69 -27.81 -32.95 20.58
N MET K 1 -23.03 -32.90 17.56
CA MET K 1 -24.19 -31.99 17.65
C MET K 1 -24.90 -31.91 16.32
N LYS K 2 -26.17 -31.54 16.35
CA LYS K 2 -26.94 -31.30 15.13
C LYS K 2 -26.93 -29.80 14.84
N LEU K 3 -26.62 -29.46 13.59
CA LEU K 3 -26.27 -28.10 13.20
C LEU K 3 -27.30 -27.51 12.27
N SER K 4 -27.42 -26.17 12.31
CA SER K 4 -28.35 -25.48 11.42
C SER K 4 -27.86 -25.41 9.98
N ALA K 5 -26.58 -25.65 9.69
CA ALA K 5 -26.05 -25.57 8.34
C ALA K 5 -26.90 -26.36 7.34
N ARG K 6 -27.41 -25.69 6.31
CA ARG K 6 -28.28 -26.41 5.40
C ARG K 6 -27.53 -27.43 4.56
N ASN K 7 -26.20 -27.31 4.44
CA ASN K 7 -25.42 -28.21 3.59
C ASN K 7 -24.47 -29.01 4.45
N GLN K 8 -24.70 -30.33 4.52
CA GLN K 8 -23.91 -31.26 5.32
C GLN K 8 -23.73 -32.50 4.46
N LEU K 9 -22.63 -32.55 3.72
CA LEU K 9 -22.47 -33.45 2.59
C LEU K 9 -21.39 -34.49 2.87
N ALA K 10 -21.79 -35.76 2.95
CA ALA K 10 -20.83 -36.82 3.25
C ALA K 10 -19.83 -37.00 2.12
N GLY K 11 -18.59 -37.31 2.48
CA GLY K 11 -17.55 -37.50 1.49
C GLY K 11 -16.30 -38.04 2.13
N LYS K 12 -15.31 -38.27 1.26
CA LYS K 12 -14.04 -38.86 1.66
C LYS K 12 -12.89 -37.90 1.36
N VAL K 13 -11.98 -37.74 2.32
CA VAL K 13 -10.84 -36.86 2.11
C VAL K 13 -9.92 -37.46 1.06
N VAL K 14 -9.63 -36.70 0.01
CA VAL K 14 -8.70 -37.11 -1.03
C VAL K 14 -7.36 -36.37 -0.93
N SER K 15 -7.31 -35.22 -0.28
CA SER K 15 -6.03 -34.56 -0.13
C SER K 15 -6.09 -33.56 1.00
N ILE K 16 -4.93 -33.30 1.59
CA ILE K 16 -4.78 -32.28 2.61
C ILE K 16 -3.46 -31.55 2.35
N LYS K 17 -3.55 -30.26 2.11
CA LYS K 17 -2.38 -29.39 1.97
C LYS K 17 -2.26 -28.57 3.25
N GLU K 18 -1.21 -28.80 4.00
CA GLU K 18 -1.01 -28.07 5.24
C GLU K 18 -0.40 -26.70 4.96
N GLY K 19 -0.83 -25.72 5.73
CA GLY K 19 -0.26 -24.39 5.66
C GLY K 19 0.35 -23.98 6.99
N ALA K 20 0.37 -22.67 7.27
CA ALA K 20 0.99 -22.16 8.50
C ALA K 20 0.01 -22.23 9.66
N VAL K 21 -1.11 -21.53 9.52
CA VAL K 21 -2.23 -21.67 10.45
C VAL K 21 -3.43 -22.36 9.82
N ASN K 22 -3.52 -22.40 8.48
CA ASN K 22 -4.61 -23.06 7.80
C ASN K 22 -4.10 -24.17 6.89
N GLY K 23 -5.04 -25.07 6.52
CA GLY K 23 -4.82 -26.06 5.48
C GLY K 23 -6.08 -26.20 4.67
N ILE K 24 -5.98 -26.91 3.55
CA ILE K 24 -7.07 -27.08 2.60
C ILE K 24 -7.36 -28.56 2.45
N VAL K 25 -8.57 -28.94 2.80
CA VAL K 25 -9.03 -30.31 2.73
C VAL K 25 -9.93 -30.42 1.50
N VAL K 26 -9.68 -31.43 0.67
CA VAL K 26 -10.55 -31.72 -0.47
C VAL K 26 -11.32 -33.01 -0.17
N LEU K 27 -12.63 -32.97 -0.38
CA LEU K 27 -13.52 -34.10 -0.13
C LEU K 27 -14.22 -34.50 -1.43
N ASP K 28 -14.11 -35.78 -1.78
CA ASP K 28 -14.90 -36.34 -2.87
C ASP K 28 -16.27 -36.69 -2.29
N ILE K 29 -17.32 -36.02 -2.77
CA ILE K 29 -18.66 -36.26 -2.26
C ILE K 29 -19.51 -37.08 -3.23
N GLY K 30 -18.90 -37.63 -4.26
CA GLY K 30 -19.66 -38.46 -5.18
C GLY K 30 -20.25 -37.69 -6.34
N GLY K 31 -20.72 -38.45 -7.32
CA GLY K 31 -21.22 -37.82 -8.51
C GLY K 31 -20.18 -37.00 -9.24
N GLY K 32 -18.89 -37.26 -9.02
CA GLY K 32 -17.86 -36.49 -9.67
C GLY K 32 -17.62 -35.11 -9.08
N ASN K 33 -18.17 -34.83 -7.91
CA ASN K 33 -18.03 -33.54 -7.29
C ASN K 33 -17.03 -33.60 -6.14
N GLN K 34 -16.24 -32.55 -6.02
CA GLN K 34 -15.33 -32.36 -4.92
C GLN K 34 -15.55 -30.98 -4.32
N ILE K 35 -15.33 -30.91 -3.01
CA ILE K 35 -15.45 -29.67 -2.26
C ILE K 35 -14.13 -29.41 -1.55
N SER K 36 -13.60 -28.20 -1.71
CA SER K 36 -12.40 -27.76 -1.01
C SER K 36 -12.77 -26.84 0.14
N SER K 37 -12.14 -27.09 1.29
CA SER K 37 -12.41 -26.40 2.56
C SER K 37 -11.10 -25.87 3.12
N THR K 38 -11.04 -24.58 3.38
CA THR K 38 -9.87 -23.97 3.99
C THR K 38 -10.17 -23.73 5.45
N ILE K 39 -9.49 -24.48 6.34
CA ILE K 39 -9.76 -24.46 7.77
C ILE K 39 -8.43 -24.45 8.51
N SER K 40 -8.48 -24.26 9.83
CA SER K 40 -7.25 -24.17 10.62
C SER K 40 -6.58 -25.53 10.77
N MET K 41 -5.23 -25.51 10.85
CA MET K 41 -4.47 -26.72 11.14
C MET K 41 -4.88 -27.33 12.48
N ASP K 42 -5.27 -26.49 13.44
CA ASP K 42 -5.77 -26.99 14.71
C ASP K 42 -6.95 -27.95 14.48
N SER K 43 -7.90 -27.58 13.61
CA SER K 43 -9.07 -28.43 13.40
C SER K 43 -8.72 -29.67 12.59
N ILE K 44 -7.83 -29.51 11.59
CA ILE K 44 -7.40 -30.65 10.79
C ILE K 44 -6.78 -31.72 11.68
N ARG K 45 -5.91 -31.30 12.61
CA ARG K 45 -5.31 -32.26 13.53
C ARG K 45 -6.32 -32.81 14.52
N GLU K 46 -7.10 -31.91 15.13
CA GLU K 46 -7.99 -32.33 16.21
C GLU K 46 -9.03 -33.34 15.72
N LEU K 47 -9.53 -33.16 14.50
CA LEU K 47 -10.49 -34.10 13.93
C LEU K 47 -9.82 -35.36 13.39
N GLY K 48 -8.49 -35.42 13.39
CA GLY K 48 -7.82 -36.60 12.88
C GLY K 48 -8.01 -36.83 11.40
N LEU K 49 -8.26 -35.77 10.62
CA LEU K 49 -8.46 -35.94 9.19
C LEU K 49 -7.16 -36.37 8.52
N GLN K 50 -7.21 -37.44 7.72
CA GLN K 50 -6.16 -37.77 6.75
C GLN K 50 -6.81 -38.42 5.55
N VAL K 51 -6.04 -38.58 4.46
CA VAL K 51 -6.59 -39.17 3.24
C VAL K 51 -7.32 -40.46 3.57
N GLY K 52 -8.53 -40.58 3.04
CA GLY K 52 -9.38 -41.73 3.26
C GLY K 52 -10.39 -41.57 4.37
N SER K 53 -10.25 -40.56 5.23
CA SER K 53 -11.19 -40.38 6.33
C SER K 53 -12.59 -40.06 5.81
N ASP K 54 -13.59 -40.60 6.48
CA ASP K 54 -14.97 -40.23 6.20
C ASP K 54 -15.28 -38.91 6.93
N ALA K 55 -15.90 -37.97 6.22
CA ALA K 55 -16.19 -36.68 6.82
C ALA K 55 -17.36 -36.03 6.08
N TYR K 56 -17.67 -34.79 6.47
CA TYR K 56 -18.76 -34.02 5.87
C TYR K 56 -18.27 -32.62 5.53
N ALA K 57 -18.64 -32.14 4.35
CA ALA K 57 -18.50 -30.73 4.05
C ALA K 57 -19.72 -30.00 4.60
N VAL K 58 -19.50 -29.04 5.49
CA VAL K 58 -20.56 -28.32 6.19
C VAL K 58 -20.50 -26.85 5.78
N ILE K 59 -21.62 -26.36 5.23
CA ILE K 59 -21.70 -25.04 4.61
C ILE K 59 -23.05 -24.43 4.96
N LYS K 60 -23.02 -23.25 5.57
CA LYS K 60 -24.21 -22.47 5.85
C LYS K 60 -24.82 -21.97 4.55
N ALA K 61 -26.15 -21.96 4.49
CA ALA K 61 -26.79 -21.53 3.25
C ALA K 61 -26.40 -20.10 2.87
N THR K 62 -26.16 -19.22 3.85
CA THR K 62 -25.81 -17.84 3.52
C THR K 62 -24.43 -17.71 2.90
N SER K 63 -23.63 -18.77 2.89
CA SER K 63 -22.32 -18.78 2.26
C SER K 63 -22.37 -19.24 0.82
N VAL K 64 -23.52 -19.67 0.33
CA VAL K 64 -23.66 -20.27 -0.99
C VAL K 64 -24.24 -19.25 -1.95
N MET K 65 -23.48 -18.93 -2.98
CA MET K 65 -23.95 -18.12 -4.08
C MET K 65 -24.41 -19.02 -5.22
N ILE K 66 -25.19 -18.46 -6.14
CA ILE K 66 -25.67 -19.18 -7.30
C ILE K 66 -25.02 -18.55 -8.51
N GLY K 67 -24.54 -19.38 -9.44
CA GLY K 67 -23.98 -18.89 -10.69
C GLY K 67 -24.64 -19.52 -11.90
N ILE K 68 -24.51 -18.91 -13.08
CA ILE K 68 -25.04 -19.49 -14.31
C ILE K 68 -24.12 -19.25 -15.50
N ASP K 69 -24.26 -20.08 -16.53
CA ASP K 69 -23.66 -19.84 -17.82
C ASP K 69 -24.41 -18.70 -18.48
N ASP K 70 -23.81 -17.50 -18.52
CA ASP K 70 -24.47 -16.37 -19.16
C ASP K 70 -24.11 -16.37 -20.65
N TRP K 71 -24.72 -17.32 -21.36
CA TRP K 71 -24.49 -17.46 -22.80
C TRP K 71 -25.57 -16.72 -23.59
N MET L 1 -22.62 -34.79 15.16
CA MET L 1 -21.35 -34.45 14.46
C MET L 1 -20.47 -33.50 15.26
N LYS L 2 -19.17 -33.71 15.12
CA LYS L 2 -18.15 -32.81 15.62
C LYS L 2 -17.62 -32.00 14.44
N LEU L 3 -17.51 -30.68 14.62
CA LEU L 3 -17.27 -29.78 13.49
C LEU L 3 -15.92 -29.09 13.60
N SER L 4 -15.35 -28.69 12.45
CA SER L 4 -14.08 -27.98 12.48
C SER L 4 -14.21 -26.55 13.01
N ALA L 5 -15.43 -25.99 13.05
CA ALA L 5 -15.63 -24.63 13.56
C ALA L 5 -14.95 -24.45 14.92
N ARG L 6 -14.06 -23.48 15.03
CA ARG L 6 -13.32 -23.37 16.27
C ARG L 6 -14.16 -22.84 17.43
N ASN L 7 -15.29 -22.21 17.14
CA ASN L 7 -16.10 -21.55 18.17
C ASN L 7 -17.44 -22.24 18.32
N GLN L 8 -17.67 -22.85 19.47
CA GLN L 8 -18.91 -23.59 19.75
C GLN L 8 -19.29 -23.25 21.18
N LEU L 9 -20.22 -22.31 21.32
CA LEU L 9 -20.47 -21.64 22.59
C LEU L 9 -21.87 -21.98 23.09
N ALA L 10 -21.95 -22.63 24.24
CA ALA L 10 -23.25 -23.03 24.78
C ALA L 10 -24.05 -21.82 25.27
N GLY L 11 -25.36 -21.89 25.09
CA GLY L 11 -26.22 -20.80 25.50
C GLY L 11 -27.68 -21.22 25.46
N LYS L 12 -28.53 -20.32 25.93
CA LYS L 12 -29.96 -20.61 25.99
C LYS L 12 -30.73 -19.60 25.16
N VAL L 13 -31.72 -20.08 24.40
CA VAL L 13 -32.46 -19.20 23.50
C VAL L 13 -33.31 -18.24 24.31
N VAL L 14 -33.14 -16.94 24.04
CA VAL L 14 -33.85 -15.89 24.75
C VAL L 14 -34.94 -15.28 23.87
N SER L 15 -34.73 -15.29 22.56
CA SER L 15 -35.72 -14.76 21.64
C SER L 15 -35.47 -15.37 20.27
N ILE L 16 -36.55 -15.44 19.48
CA ILE L 16 -36.50 -15.94 18.11
C ILE L 16 -37.36 -15.03 17.26
N LYS L 17 -36.75 -14.33 16.31
CA LYS L 17 -37.50 -13.48 15.39
C LYS L 17 -37.69 -14.24 14.10
N GLU L 18 -38.93 -14.63 13.84
CA GLU L 18 -39.28 -15.38 12.65
C GLU L 18 -39.43 -14.42 11.48
N GLY L 19 -38.82 -14.77 10.35
CA GLY L 19 -38.91 -13.95 9.15
C GLY L 19 -39.56 -14.69 8.02
N ALA L 20 -39.24 -14.32 6.78
CA ALA L 20 -39.88 -14.96 5.63
C ALA L 20 -39.16 -16.26 5.29
N VAL L 21 -37.87 -16.18 4.96
CA VAL L 21 -37.05 -17.35 4.78
C VAL L 21 -35.99 -17.49 5.86
N ASN L 22 -35.64 -16.42 6.57
CA ASN L 22 -34.68 -16.49 7.66
C ASN L 22 -35.32 -16.04 8.97
N GLY L 23 -34.64 -16.38 10.06
CA GLY L 23 -34.96 -15.84 11.36
C GLY L 23 -33.70 -15.53 12.13
N ILE L 24 -33.88 -14.86 13.26
CA ILE L 24 -32.78 -14.45 14.12
C ILE L 24 -33.00 -15.04 15.50
N VAL L 25 -32.04 -15.87 15.95
CA VAL L 25 -32.06 -16.53 17.25
C VAL L 25 -31.07 -15.81 18.15
N VAL L 26 -31.50 -15.42 19.34
CA VAL L 26 -30.62 -14.80 20.32
C VAL L 26 -30.35 -15.81 21.42
N LEU L 27 -29.07 -15.99 21.74
CA LEU L 27 -28.65 -16.93 22.77
C LEU L 27 -27.98 -16.15 23.89
N ASP L 28 -28.43 -16.38 25.12
CA ASP L 28 -27.70 -15.94 26.29
C ASP L 28 -26.61 -16.96 26.59
N ILE L 29 -25.35 -16.54 26.50
CA ILE L 29 -24.22 -17.43 26.75
C ILE L 29 -23.56 -17.15 28.09
N GLY L 30 -24.19 -16.32 28.92
CA GLY L 30 -23.68 -16.02 30.24
C GLY L 30 -22.80 -14.79 30.32
N GLY L 31 -22.56 -14.38 31.56
CA GLY L 31 -21.73 -13.22 31.80
C GLY L 31 -22.25 -11.95 31.20
N GLY L 32 -23.54 -11.90 30.90
CA GLY L 32 -24.11 -10.74 30.24
C GLY L 32 -23.85 -10.65 28.76
N ASN L 33 -23.38 -11.73 28.13
CA ASN L 33 -23.13 -11.74 26.69
C ASN L 33 -24.22 -12.52 25.97
N GLN L 34 -24.62 -11.99 24.81
CA GLN L 34 -25.58 -12.63 23.93
C GLN L 34 -25.03 -12.69 22.51
N ILE L 35 -25.43 -13.73 21.80
CA ILE L 35 -25.03 -13.95 20.41
C ILE L 35 -26.29 -14.08 19.57
N SER L 36 -26.38 -13.28 18.51
CA SER L 36 -27.46 -13.34 17.55
C SER L 36 -27.00 -14.10 16.32
N SER L 37 -27.86 -14.99 15.85
CA SER L 37 -27.56 -15.90 14.74
C SER L 37 -28.69 -15.76 13.74
N THR L 38 -28.36 -15.41 12.51
CA THR L 38 -29.33 -15.31 11.43
C THR L 38 -29.22 -16.60 10.64
N ILE L 39 -30.29 -17.42 10.69
CA ILE L 39 -30.32 -18.75 10.09
C ILE L 39 -31.65 -18.94 9.37
N SER L 40 -31.76 -20.05 8.64
CA SER L 40 -32.99 -20.29 7.88
C SER L 40 -34.12 -20.70 8.81
N MET L 41 -35.34 -20.28 8.46
CA MET L 41 -36.51 -20.75 9.22
C MET L 41 -36.61 -22.26 9.19
N ASP L 42 -36.25 -22.89 8.07
CA ASP L 42 -36.27 -24.35 8.00
C ASP L 42 -35.43 -24.95 9.11
N SER L 43 -34.25 -24.39 9.35
CA SER L 43 -33.39 -24.92 10.40
C SER L 43 -33.97 -24.65 11.78
N ILE L 44 -34.57 -23.47 11.96
CA ILE L 44 -35.18 -23.18 13.25
C ILE L 44 -36.26 -24.21 13.58
N ARG L 45 -37.05 -24.60 12.59
CA ARG L 45 -38.07 -25.61 12.84
C ARG L 45 -37.44 -26.99 13.06
N GLU L 46 -36.57 -27.40 12.15
CA GLU L 46 -36.07 -28.76 12.22
C GLU L 46 -35.32 -29.00 13.52
N LEU L 47 -34.63 -27.98 14.03
CA LEU L 47 -33.94 -28.15 15.31
C LEU L 47 -34.87 -28.01 16.50
N GLY L 48 -36.14 -27.66 16.27
CA GLY L 48 -37.11 -27.54 17.33
C GLY L 48 -36.76 -26.45 18.31
N LEU L 49 -36.06 -25.41 17.86
CA LEU L 49 -35.65 -24.34 18.74
C LEU L 49 -36.88 -23.60 19.23
N GLN L 50 -36.87 -23.30 20.52
CA GLN L 50 -37.86 -22.43 21.13
C GLN L 50 -37.17 -21.64 22.24
N VAL L 51 -37.84 -20.57 22.68
CA VAL L 51 -37.33 -19.81 23.82
C VAL L 51 -37.10 -20.78 24.96
N GLY L 52 -35.92 -20.72 25.57
CA GLY L 52 -35.57 -21.62 26.64
C GLY L 52 -34.81 -22.85 26.21
N SER L 53 -34.74 -23.13 24.92
CA SER L 53 -33.98 -24.28 24.45
C SER L 53 -32.49 -24.08 24.72
N ASP L 54 -31.81 -25.17 25.07
CA ASP L 54 -30.36 -25.21 25.16
C ASP L 54 -29.78 -25.38 23.77
N ALA L 55 -28.73 -24.61 23.45
CA ALA L 55 -28.15 -24.67 22.12
C ALA L 55 -26.70 -24.20 22.16
N TYR L 56 -26.08 -24.15 20.97
CA TYR L 56 -24.71 -23.70 20.78
C TYR L 56 -24.71 -22.71 19.62
N ALA L 57 -23.98 -21.61 19.78
CA ALA L 57 -23.62 -20.74 18.68
C ALA L 57 -22.34 -21.27 18.06
N VAL L 58 -22.36 -21.55 16.75
CA VAL L 58 -21.21 -22.16 16.07
C VAL L 58 -20.66 -21.18 15.05
N ILE L 59 -19.36 -20.89 15.16
CA ILE L 59 -18.72 -19.85 14.37
C ILE L 59 -17.37 -20.37 13.88
N LYS L 60 -17.20 -20.32 12.56
CA LYS L 60 -15.93 -20.61 11.92
C LYS L 60 -14.93 -19.52 12.28
N ALA L 61 -13.67 -19.91 12.51
CA ALA L 61 -12.65 -18.94 12.89
C ALA L 61 -12.47 -17.87 11.83
N THR L 62 -12.65 -18.23 10.56
CA THR L 62 -12.44 -17.29 9.47
C THR L 62 -13.52 -16.23 9.39
N SER L 63 -14.61 -16.37 10.15
CA SER L 63 -15.68 -15.38 10.23
C SER L 63 -15.55 -14.43 11.39
N VAL L 64 -14.54 -14.60 12.25
CA VAL L 64 -14.41 -13.81 13.47
C VAL L 64 -13.36 -12.74 13.21
N MET L 65 -13.77 -11.50 13.40
CA MET L 65 -12.90 -10.34 13.31
C MET L 65 -12.47 -9.97 14.71
N ILE L 66 -11.41 -9.16 14.80
CA ILE L 66 -10.93 -8.65 16.08
C ILE L 66 -11.08 -7.13 16.08
N GLY L 67 -11.62 -6.58 17.16
CA GLY L 67 -11.73 -5.13 17.26
C GLY L 67 -11.07 -4.61 18.52
N ILE L 68 -10.75 -3.31 18.56
CA ILE L 68 -10.17 -2.70 19.76
C ILE L 68 -10.73 -1.32 19.98
N ASP L 69 -10.62 -0.87 21.24
CA ASP L 69 -10.92 0.51 21.61
C ASP L 69 -9.80 1.42 21.11
N ASP L 70 -10.17 2.53 20.47
CA ASP L 70 -9.17 3.42 19.88
C ASP L 70 -8.88 4.66 20.73
#